data_7W3V
#
_entry.id   7W3V
#
_cell.length_a   1.00
_cell.length_b   1.00
_cell.length_c   1.00
_cell.angle_alpha   90.00
_cell.angle_beta   90.00
_cell.angle_gamma   90.00
#
_symmetry.space_group_name_H-M   'P 1'
#
loop_
_entity.id
_entity.type
_entity.pdbx_description
1 polymer 'Cell 12A endoglucanase'
2 polymer 'Membrane-localized LRR receptor-like protein'
3 branched 2-acetamido-2-deoxy-beta-D-glucopyranose-(1-4)-2-acetamido-2-deoxy-beta-D-glucopyranose
4 branched alpha-D-mannopyranose-(1-2)-alpha-D-mannopyranose-(1-6)-[alpha-D-mannopyranose-(1-3)]alpha-D-mannopyranose-(1-6)-[alpha-D-mannopyranose-(1-3)]beta-D-mannopyranose-(1-4)-2-acetamido-2-deoxy-beta-D-glucopyranose-(1-4)-2-acetamido-2-deoxy-beta-D-glucopyranose
5 non-polymer 2-acetamido-2-deoxy-beta-D-glucopyranose
#
loop_
_entity_poly.entity_id
_entity_poly.type
_entity_poly.pdbx_seq_one_letter_code
_entity_poly.pdbx_strand_id
1 'polypeptide(L)'
;MKGFFAGVVAAATLAVASAGDYCGQWDWAKSTNYIVYNNLWNKNAAASGSQCTGVDKISGSTIAWHTSYTWTGGAATEVK
SYSNAALVFSKKQIKNIKSIPTKMKYSYSHSSGTFVADVSYDLFTSSTASGSNEYEIMIWLAAYGGAGPISSTGKAIATV
TIGSNSFKLYKGPNGSTTVFSFVATKTITNFSADLQKFLSYLTKNQGLPSSQYLITLEAGTEPFVGTNAKMTVSSFSAAV
N
;
A
2 'polypeptide(L)'
;MGKREYPSSAHFLVTLSLLLLQAAFGLTLCIEKERDALLEFKRGLSDNFGQLSTWGDEEDKKECCKWKGIECNKTTGHVI
VLDLHNAFTCSASACFAPRLTGKLSPSLLELEYLNFLDLSVNEFERSEIPRFICSFKRLEYLNLSSSFFSGLIPTQFKNL
TSLRILDLGYNNLIVKDLTWLSHLSSLELLSLGGSDFQVKNWFQEITKLPLLKELDLSLCGLSKLVPSPAEIANSSLISL
SVLHLCCNEFSSSAKYSWLFNFSTSLTSIDLSNNQLDGQIDDRFGNLMYLEHLNLANELNLKGGIPSSFGNLTRLRYLDM
SNTRTYQWLPELFVRLSGSRKTLEVLGLNDNSMFGSLVDVTRFSALKRLYLQKNVLNGFFMERFGQVSSLEYLDLSDNQM
RGPLPDLALFPSLRELHLGSNHFNGRIPQGIGKLSQLKILDVSSNRLEGLPESMGQLSNLESFDASYNVLKGTITESHLS
NLSSLVDLDLSFNSLALKTSIDWLPPFQLQVINLPSCNLGPSFPKWLQSQNNYTVLDISLANISDALPSWFSGLPPDIKI
LNLSNNQISGRVSDLIENAYDYMVIDLSSNNFSGPLPLVPTNVQIFYLHKNQFFGSISSICKSTTGATSLDLSHNQFSGE
LPDCWMNATNLAVLNLAYNNFSGKLPQSLGSLTNLEALYMRQNSFSGMLPSLSQCQSLQILDLGGNKLTGRIPAWIGTDL
LNLRILSLRFNKFYGSISPIICQLQFLQILDLSANGLAGKIPQCFNNFTLLHQENGLGEPMEFLVQGFYGKYPRHYSYLG
NLLVQWKNQEAEYKNPLTYLKTIDLSSNKLVGGIPKEMAEMRGLKSLNLSRNDLNGSIIKGIGQMKMLESLDLSRNQLSG
MIPKDLANLTFIGVLDLSNNHLSGRIPSSTQLQTFERSSYSGNAQLCGPPLQEC
;
C
#
# COMPACT_ATOMS: atom_id res chain seq x y z
N GLY A 20 -30.43 10.24 -10.45
CA GLY A 20 -30.32 11.43 -9.64
C GLY A 20 -28.98 11.56 -8.94
N ASP A 21 -29.00 12.10 -7.72
CA ASP A 21 -27.80 12.30 -6.93
C ASP A 21 -27.98 11.60 -5.59
N TYR A 22 -26.99 10.80 -5.20
CA TYR A 22 -27.04 10.04 -3.96
C TYR A 22 -25.78 10.30 -3.14
N CYS A 23 -25.95 10.36 -1.82
CA CYS A 23 -24.90 10.82 -0.91
C CYS A 23 -24.47 9.73 0.07
N GLY A 24 -24.94 8.51 -0.10
CA GLY A 24 -24.58 7.45 0.83
C GLY A 24 -23.13 7.06 0.73
N GLN A 25 -22.66 6.35 1.76
CA GLN A 25 -21.25 5.98 1.83
C GLN A 25 -20.93 4.86 0.85
N TRP A 26 -21.78 3.84 0.77
CA TRP A 26 -21.54 2.68 -0.08
C TRP A 26 -22.53 2.56 -1.22
N ASP A 27 -23.41 3.55 -1.38
CA ASP A 27 -24.45 3.46 -2.39
C ASP A 27 -23.87 3.58 -3.79
N TRP A 28 -24.54 2.94 -4.75
CA TRP A 28 -24.09 2.96 -6.13
C TRP A 28 -25.29 3.01 -7.06
N ALA A 29 -25.01 3.13 -8.36
CA ALA A 29 -26.03 3.12 -9.40
C ALA A 29 -25.55 2.17 -10.48
N LYS A 30 -26.30 1.09 -10.70
CA LYS A 30 -25.95 0.09 -11.71
C LYS A 30 -26.80 0.33 -12.95
N SER A 31 -26.17 0.80 -14.02
CA SER A 31 -26.83 0.94 -15.31
C SER A 31 -26.40 -0.22 -16.20
N THR A 32 -26.80 -0.16 -17.47
CA THR A 32 -26.37 -1.19 -18.40
C THR A 32 -24.87 -1.07 -18.67
N ASN A 33 -24.17 -2.19 -18.57
CA ASN A 33 -22.73 -2.30 -18.81
C ASN A 33 -21.92 -1.21 -18.11
N TYR A 34 -22.40 -0.71 -16.97
CA TYR A 34 -21.66 0.27 -16.18
C TYR A 34 -22.21 0.30 -14.76
N ILE A 35 -21.34 0.57 -13.80
CA ILE A 35 -21.71 0.76 -12.41
C ILE A 35 -20.93 1.96 -11.88
N VAL A 36 -21.62 2.87 -11.19
CA VAL A 36 -21.03 4.08 -10.66
C VAL A 36 -21.14 4.04 -9.14
N TYR A 37 -20.01 4.16 -8.46
CA TYR A 37 -19.96 4.09 -7.01
C TYR A 37 -19.68 5.46 -6.40
N ASN A 38 -20.02 5.60 -5.13
CA ASN A 38 -19.63 6.75 -4.33
C ASN A 38 -18.36 6.47 -3.54
N ASN A 39 -18.31 5.34 -2.84
CA ASN A 39 -17.09 4.80 -2.23
C ASN A 39 -16.45 5.78 -1.26
N LEU A 40 -17.19 6.10 -0.20
CA LEU A 40 -16.68 6.95 0.88
C LEU A 40 -15.94 6.10 1.91
N TRP A 41 -14.90 5.40 1.44
CA TRP A 41 -14.29 4.34 2.24
C TRP A 41 -13.33 4.85 3.31
N ASN A 42 -12.99 6.13 3.30
CA ASN A 42 -12.13 6.70 4.34
C ASN A 42 -12.67 8.05 4.78
N LYS A 43 -13.99 8.16 4.91
CA LYS A 43 -14.59 9.43 5.29
C LYS A 43 -14.31 9.77 6.75
N ASN A 44 -14.06 8.77 7.59
CA ASN A 44 -13.80 9.03 9.00
C ASN A 44 -12.48 9.74 9.24
N ALA A 45 -11.56 9.69 8.28
CA ALA A 45 -10.27 10.34 8.44
C ALA A 45 -10.36 11.86 8.45
N ALA A 46 -11.49 12.44 8.04
CA ALA A 46 -11.67 13.88 7.99
C ALA A 46 -12.86 14.27 8.86
N ALA A 47 -12.99 15.58 9.07
CA ALA A 47 -14.08 16.14 9.85
C ALA A 47 -14.84 17.16 9.01
N SER A 48 -16.17 17.11 9.09
CA SER A 48 -17.07 18.04 8.40
C SER A 48 -16.83 18.00 6.88
N GLY A 49 -17.10 16.82 6.32
CA GLY A 49 -17.02 16.64 4.89
C GLY A 49 -18.26 15.94 4.36
N SER A 50 -18.43 16.03 3.04
CA SER A 50 -19.57 15.43 2.38
C SER A 50 -19.22 15.17 0.93
N GLN A 51 -19.98 14.28 0.29
CA GLN A 51 -19.74 13.93 -1.10
C GLN A 51 -20.99 13.28 -1.68
N CYS A 52 -21.20 13.49 -2.98
CA CYS A 52 -22.34 12.93 -3.68
C CYS A 52 -22.04 12.83 -5.17
N THR A 53 -22.42 11.71 -5.77
CA THR A 53 -22.16 11.45 -7.18
C THR A 53 -23.48 11.15 -7.88
N GLY A 54 -23.50 11.36 -9.20
CA GLY A 54 -24.72 11.14 -9.96
C GLY A 54 -24.44 10.95 -11.43
N VAL A 55 -25.30 10.15 -12.07
CA VAL A 55 -25.24 9.89 -13.51
C VAL A 55 -26.13 10.88 -14.24
N ASP A 56 -25.67 11.36 -15.39
CA ASP A 56 -26.39 12.37 -16.15
C ASP A 56 -27.02 11.80 -17.43
N LYS A 57 -26.22 11.18 -18.29
CA LYS A 57 -26.73 10.62 -19.52
C LYS A 57 -25.97 9.34 -19.86
N ILE A 58 -26.70 8.33 -20.31
CA ILE A 58 -26.12 7.08 -20.79
C ILE A 58 -26.60 6.86 -22.21
N SER A 59 -25.67 6.52 -23.10
CA SER A 59 -25.99 6.35 -24.52
C SER A 59 -24.97 5.43 -25.15
N GLY A 60 -25.43 4.29 -25.65
CA GLY A 60 -24.50 3.32 -26.22
C GLY A 60 -23.56 2.80 -25.16
N SER A 61 -22.26 2.99 -25.39
CA SER A 61 -21.23 2.62 -24.44
C SER A 61 -20.64 3.83 -23.70
N THR A 62 -21.28 4.99 -23.82
CA THR A 62 -20.77 6.23 -23.25
C THR A 62 -21.60 6.61 -22.02
N ILE A 63 -20.91 6.94 -20.93
CA ILE A 63 -21.55 7.33 -19.68
C ILE A 63 -20.99 8.67 -19.23
N ALA A 64 -21.86 9.55 -18.78
CA ALA A 64 -21.48 10.85 -18.25
C ALA A 64 -21.98 10.98 -16.82
N TRP A 65 -21.16 11.55 -15.95
CA TRP A 65 -21.52 11.64 -14.54
C TRP A 65 -20.85 12.85 -13.91
N HIS A 66 -21.12 13.05 -12.62
CA HIS A 66 -20.51 14.14 -11.87
C HIS A 66 -20.38 13.73 -10.42
N THR A 67 -19.46 14.40 -9.73
CA THR A 67 -19.16 14.12 -8.34
C THR A 67 -18.81 15.42 -7.64
N SER A 68 -19.62 15.80 -6.65
CA SER A 68 -19.37 16.98 -5.84
C SER A 68 -18.94 16.57 -4.44
N TYR A 69 -18.04 17.35 -3.84
CA TYR A 69 -17.52 16.99 -2.54
C TYR A 69 -16.95 18.23 -1.84
N THR A 70 -16.81 18.09 -0.52
CA THR A 70 -16.18 19.09 0.32
C THR A 70 -15.60 18.36 1.53
N TRP A 71 -14.29 18.13 1.53
CA TRP A 71 -13.57 17.50 2.63
C TRP A 71 -12.58 18.49 3.23
N THR A 72 -12.50 18.52 4.55
CA THR A 72 -11.66 19.47 5.24
C THR A 72 -11.12 18.85 6.53
N GLY A 73 -9.91 19.25 6.90
CA GLY A 73 -9.37 18.89 8.20
C GLY A 73 -9.06 17.40 8.32
N GLY A 74 -8.91 16.97 9.58
CA GLY A 74 -8.59 15.60 9.86
C GLY A 74 -7.21 15.23 9.33
N ALA A 75 -7.06 13.96 8.94
CA ALA A 75 -5.83 13.50 8.33
C ALA A 75 -5.73 14.02 6.91
N ALA A 76 -5.04 15.15 6.74
CA ALA A 76 -4.95 15.82 5.44
C ALA A 76 -3.96 15.14 4.50
N THR A 77 -3.50 13.93 4.82
CA THR A 77 -2.53 13.22 4.00
C THR A 77 -3.04 11.87 3.54
N GLU A 78 -4.36 11.69 3.47
CA GLU A 78 -4.95 10.40 3.12
C GLU A 78 -6.06 10.60 2.10
N VAL A 79 -6.28 9.57 1.29
CA VAL A 79 -7.37 9.59 0.32
C VAL A 79 -8.69 9.34 1.05
N LYS A 80 -9.66 10.21 0.80
CA LYS A 80 -10.97 10.07 1.45
C LYS A 80 -11.92 9.17 0.67
N SER A 81 -11.90 9.23 -0.66
CA SER A 81 -12.86 8.49 -1.44
C SER A 81 -12.30 8.22 -2.83
N TYR A 82 -12.91 7.24 -3.50
CA TYR A 82 -12.57 6.88 -4.87
C TYR A 82 -13.85 6.69 -5.69
N SER A 83 -14.74 7.68 -5.65
CA SER A 83 -15.94 7.64 -6.49
C SER A 83 -15.55 7.42 -7.95
N ASN A 84 -15.96 6.27 -8.50
CA ASN A 84 -15.50 5.83 -9.81
C ASN A 84 -16.69 5.36 -10.65
N ALA A 85 -16.41 5.15 -11.94
CA ALA A 85 -17.37 4.61 -12.89
C ALA A 85 -16.74 3.36 -13.49
N ALA A 86 -17.07 2.19 -12.92
CA ALA A 86 -16.45 0.94 -13.30
C ALA A 86 -17.18 0.28 -14.46
N LEU A 87 -16.46 -0.61 -15.14
CA LEU A 87 -16.98 -1.36 -16.27
C LEU A 87 -17.20 -2.82 -15.86
N VAL A 88 -18.25 -3.42 -16.38
CA VAL A 88 -18.55 -4.83 -16.15
C VAL A 88 -18.22 -5.61 -17.43
N PHE A 89 -17.49 -6.71 -17.28
CA PHE A 89 -17.01 -7.47 -18.42
C PHE A 89 -16.70 -8.89 -17.97
N SER A 90 -16.60 -9.78 -18.95
CA SER A 90 -16.18 -11.15 -18.68
C SER A 90 -14.67 -11.19 -18.46
N LYS A 91 -14.26 -11.70 -17.30
CA LYS A 91 -12.86 -11.69 -16.94
C LYS A 91 -12.06 -12.61 -17.87
N LYS A 92 -10.90 -12.12 -18.32
CA LYS A 92 -10.03 -12.87 -19.21
C LYS A 92 -8.59 -12.65 -18.79
N GLN A 93 -7.71 -13.54 -19.24
CA GLN A 93 -6.29 -13.41 -18.99
C GLN A 93 -5.70 -12.31 -19.87
N ILE A 94 -4.55 -11.78 -19.41
CA ILE A 94 -3.89 -10.70 -20.15
C ILE A 94 -3.43 -11.19 -21.51
N LYS A 95 -3.15 -12.48 -21.65
CA LYS A 95 -2.73 -13.02 -22.94
C LYS A 95 -3.81 -12.85 -24.00
N ASN A 96 -5.06 -13.08 -23.62
CA ASN A 96 -6.16 -13.15 -24.58
C ASN A 96 -6.81 -11.81 -24.86
N ILE A 97 -6.33 -10.73 -24.24
CA ILE A 97 -6.91 -9.40 -24.44
C ILE A 97 -6.27 -8.79 -25.67
N LYS A 98 -7.10 -8.44 -26.66
CA LYS A 98 -6.59 -7.81 -27.87
C LYS A 98 -6.38 -6.31 -27.68
N SER A 99 -7.45 -5.60 -27.30
CA SER A 99 -7.37 -4.16 -27.10
C SER A 99 -8.30 -3.75 -25.97
N ILE A 100 -7.97 -2.66 -25.31
CA ILE A 100 -8.82 -2.07 -24.28
C ILE A 100 -9.00 -0.60 -24.63
N PRO A 101 -9.85 -0.26 -25.61
CA PRO A 101 -10.06 1.14 -25.95
C PRO A 101 -10.68 1.89 -24.78
N THR A 102 -10.27 3.15 -24.61
CA THR A 102 -10.80 3.97 -23.54
C THR A 102 -10.74 5.44 -23.93
N LYS A 103 -11.76 6.18 -23.52
CA LYS A 103 -11.80 7.62 -23.65
C LYS A 103 -12.36 8.22 -22.37
N MET A 104 -11.93 9.44 -22.07
CA MET A 104 -12.38 10.12 -20.85
C MET A 104 -12.16 11.61 -21.02
N LYS A 105 -13.25 12.38 -21.04
CA LYS A 105 -13.20 13.83 -21.07
C LYS A 105 -13.84 14.35 -19.79
N TYR A 106 -13.09 15.12 -19.02
CA TYR A 106 -13.58 15.61 -17.74
C TYR A 106 -13.21 17.08 -17.57
N SER A 107 -13.99 17.75 -16.74
CA SER A 107 -13.70 19.10 -16.28
C SER A 107 -13.78 19.11 -14.77
N TYR A 108 -13.02 20.00 -14.15
CA TYR A 108 -12.95 20.05 -12.69
C TYR A 108 -13.17 21.49 -12.25
N SER A 109 -13.84 21.66 -11.11
CA SER A 109 -14.20 22.99 -10.60
C SER A 109 -14.07 22.99 -9.08
N HIS A 110 -12.94 23.50 -8.58
CA HIS A 110 -12.74 23.67 -7.16
C HIS A 110 -12.90 25.14 -6.80
N SER A 111 -12.64 25.50 -5.54
CA SER A 111 -12.79 26.88 -5.09
C SER A 111 -11.89 27.11 -3.89
N SER A 112 -11.69 28.39 -3.58
CA SER A 112 -10.91 28.86 -2.42
C SER A 112 -9.50 28.31 -2.55
N GLY A 113 -8.94 27.66 -1.53
CA GLY A 113 -7.58 27.17 -1.57
C GLY A 113 -7.42 25.87 -0.81
N THR A 114 -6.17 25.41 -0.73
CA THR A 114 -5.81 24.12 -0.12
C THR A 114 -6.63 23.00 -0.76
N PHE A 115 -6.31 22.75 -2.03
CA PHE A 115 -7.02 21.79 -2.86
C PHE A 115 -6.05 20.69 -3.29
N VAL A 116 -6.29 19.47 -2.83
CA VAL A 116 -5.49 18.30 -3.19
C VAL A 116 -6.46 17.22 -3.65
N ALA A 117 -6.28 16.72 -4.87
CA ALA A 117 -7.14 15.69 -5.41
C ALA A 117 -6.36 14.91 -6.46
N ASP A 118 -7.08 14.10 -7.24
CA ASP A 118 -6.47 13.22 -8.23
C ASP A 118 -7.55 12.68 -9.16
N VAL A 119 -7.16 12.42 -10.40
CA VAL A 119 -8.00 11.72 -11.37
C VAL A 119 -7.19 10.56 -11.94
N SER A 120 -7.74 9.35 -11.87
CA SER A 120 -6.93 8.19 -12.19
C SER A 120 -7.79 7.03 -12.62
N TYR A 121 -7.23 6.22 -13.53
CA TYR A 121 -7.73 4.90 -13.85
C TYR A 121 -7.14 3.88 -12.88
N ASP A 122 -7.96 2.90 -12.50
CA ASP A 122 -7.52 1.78 -11.68
C ASP A 122 -7.83 0.47 -12.38
N LEU A 123 -6.82 -0.38 -12.52
CA LEU A 123 -6.97 -1.72 -13.08
C LEU A 123 -6.42 -2.71 -12.08
N PHE A 124 -7.28 -3.60 -11.60
CA PHE A 124 -6.87 -4.64 -10.66
C PHE A 124 -6.85 -5.99 -11.35
N THR A 125 -5.75 -6.73 -11.17
CA THR A 125 -5.55 -8.05 -11.73
C THR A 125 -5.09 -9.01 -10.63
N SER A 126 -5.52 -10.27 -10.72
CA SER A 126 -5.17 -11.29 -9.75
C SER A 126 -4.91 -12.61 -10.49
N SER A 127 -4.58 -13.65 -9.73
CA SER A 127 -4.23 -14.93 -10.33
C SER A 127 -5.45 -15.66 -10.86
N THR A 128 -6.54 -15.67 -10.11
CA THR A 128 -7.76 -16.38 -10.49
C THR A 128 -8.84 -15.39 -10.89
N ALA A 129 -9.99 -15.93 -11.30
CA ALA A 129 -11.09 -15.08 -11.75
C ALA A 129 -11.60 -14.20 -10.62
N SER A 130 -11.75 -14.77 -9.42
CA SER A 130 -12.23 -14.03 -8.25
C SER A 130 -11.26 -14.29 -7.11
N GLY A 131 -10.20 -13.47 -7.04
CA GLY A 131 -9.22 -13.59 -5.99
C GLY A 131 -8.83 -12.23 -5.44
N SER A 132 -8.07 -12.26 -4.36
CA SER A 132 -7.57 -11.02 -3.77
C SER A 132 -6.68 -10.29 -4.77
N ASN A 133 -6.82 -8.96 -4.81
CA ASN A 133 -6.07 -8.16 -5.75
C ASN A 133 -4.58 -8.24 -5.49
N GLU A 134 -3.85 -8.87 -6.40
CA GLU A 134 -2.40 -8.98 -6.27
C GLU A 134 -1.66 -7.87 -7.00
N TYR A 135 -2.22 -7.37 -8.11
CA TYR A 135 -1.57 -6.33 -8.89
C TYR A 135 -2.55 -5.19 -9.15
N GLU A 136 -2.08 -3.96 -8.91
CA GLU A 136 -2.84 -2.76 -9.17
C GLU A 136 -2.08 -1.88 -10.14
N ILE A 137 -2.78 -1.31 -11.12
CA ILE A 137 -2.20 -0.41 -12.10
C ILE A 137 -3.03 0.86 -12.12
N MET A 138 -2.42 1.97 -11.71
CA MET A 138 -3.08 3.27 -11.68
C MET A 138 -2.52 4.14 -12.79
N ILE A 139 -3.38 4.89 -13.44
CA ILE A 139 -2.99 5.85 -14.48
C ILE A 139 -3.46 7.22 -14.00
N TRP A 140 -2.52 8.10 -13.66
CA TRP A 140 -2.81 9.38 -13.04
C TRP A 140 -2.81 10.45 -14.12
N LEU A 141 -4.00 10.91 -14.49
CA LEU A 141 -4.15 11.94 -15.51
C LEU A 141 -4.02 13.34 -14.95
N ALA A 142 -4.02 13.50 -13.63
CA ALA A 142 -3.88 14.80 -13.00
C ALA A 142 -3.48 14.62 -11.54
N ALA A 143 -2.52 15.41 -11.09
CA ALA A 143 -2.03 15.38 -9.72
C ALA A 143 -2.08 16.81 -9.19
N TYR A 144 -3.07 17.11 -8.37
CA TYR A 144 -3.33 18.46 -7.90
C TYR A 144 -2.82 18.64 -6.48
N GLY A 145 -2.04 19.69 -6.27
CA GLY A 145 -1.68 20.12 -4.93
C GLY A 145 -0.88 19.14 -4.11
N GLY A 146 0.08 18.45 -4.71
CA GLY A 146 0.97 17.57 -3.98
C GLY A 146 0.55 16.11 -3.91
N ALA A 147 -0.48 15.71 -4.63
CA ALA A 147 -0.87 14.31 -4.65
C ALA A 147 0.14 13.50 -5.43
N GLY A 148 0.61 12.40 -4.84
CA GLY A 148 1.60 11.58 -5.47
C GLY A 148 1.32 10.09 -5.29
N PRO A 149 1.82 9.28 -6.20
CA PRO A 149 1.58 7.84 -6.13
C PRO A 149 2.45 7.17 -5.07
N ILE A 150 2.07 5.94 -4.73
CA ILE A 150 2.85 5.14 -3.80
C ILE A 150 4.18 4.75 -4.45
N SER A 151 5.26 4.93 -3.71
CA SER A 151 6.59 4.61 -4.23
C SER A 151 7.50 4.22 -3.07
N SER A 152 8.11 3.05 -3.17
CA SER A 152 9.03 2.61 -2.13
C SER A 152 10.22 3.54 -2.02
N THR A 153 10.78 3.96 -3.15
CA THR A 153 11.94 4.84 -3.18
C THR A 153 11.58 6.31 -3.33
N GLY A 154 10.33 6.62 -3.69
CA GLY A 154 9.96 7.99 -3.94
C GLY A 154 10.42 8.55 -5.26
N LYS A 155 10.94 7.70 -6.14
CA LYS A 155 11.51 8.11 -7.42
C LYS A 155 10.91 7.27 -8.53
N ALA A 156 10.72 7.87 -9.70
CA ALA A 156 10.21 7.14 -10.84
C ALA A 156 11.25 6.12 -11.31
N ILE A 157 10.76 4.99 -11.79
CA ILE A 157 11.63 3.90 -12.22
C ILE A 157 11.55 3.64 -13.72
N ALA A 158 10.75 4.41 -14.45
CA ALA A 158 10.66 4.26 -15.90
C ALA A 158 9.99 5.49 -16.48
N THR A 159 10.37 5.84 -17.70
CA THR A 159 9.73 6.92 -18.46
C THR A 159 9.28 6.35 -19.79
N VAL A 160 7.97 6.30 -20.01
CA VAL A 160 7.41 5.62 -21.17
C VAL A 160 6.37 6.53 -21.85
N THR A 161 6.37 6.52 -23.17
CA THR A 161 5.43 7.30 -23.96
C THR A 161 4.48 6.37 -24.69
N ILE A 162 3.17 6.59 -24.50
CA ILE A 162 2.13 5.81 -25.17
C ILE A 162 1.20 6.79 -25.87
N GLY A 163 1.17 6.72 -27.20
CA GLY A 163 0.24 7.54 -27.96
C GLY A 163 0.43 9.03 -27.78
N SER A 164 1.67 9.49 -27.88
CA SER A 164 2.02 10.91 -27.72
C SER A 164 1.65 11.43 -26.33
N ASN A 165 1.67 10.54 -25.34
CA ASN A 165 1.43 10.91 -23.95
C ASN A 165 2.57 10.34 -23.11
N SER A 166 3.27 11.21 -22.39
CA SER A 166 4.38 10.77 -21.56
C SER A 166 3.89 10.34 -20.18
N PHE A 167 4.62 9.40 -19.58
CA PHE A 167 4.26 8.88 -18.27
C PHE A 167 5.52 8.50 -17.52
N LYS A 168 5.50 8.72 -16.22
CA LYS A 168 6.54 8.26 -15.30
C LYS A 168 5.96 7.15 -14.44
N LEU A 169 6.71 6.06 -14.30
CA LEU A 169 6.20 4.84 -13.66
C LEU A 169 6.79 4.72 -12.26
N TYR A 170 5.92 4.43 -11.30
CA TYR A 170 6.28 4.23 -9.90
C TYR A 170 5.83 2.85 -9.45
N LYS A 171 6.59 2.26 -8.54
CA LYS A 171 6.26 0.96 -7.97
C LYS A 171 6.20 1.07 -6.46
N GLY A 172 5.19 0.46 -5.86
CA GLY A 172 5.00 0.55 -4.43
C GLY A 172 4.25 -0.61 -3.82
N PRO A 173 4.36 -0.77 -2.51
CA PRO A 173 3.60 -1.81 -1.81
C PRO A 173 2.29 -1.31 -1.21
N ASN A 174 1.28 -2.17 -1.22
CA ASN A 174 -0.01 -1.90 -0.54
C ASN A 174 -0.42 -3.21 0.12
N GLY A 175 0.00 -3.39 1.37
CA GLY A 175 -0.24 -4.65 2.05
C GLY A 175 0.45 -5.81 1.34
N SER A 176 -0.34 -6.66 0.69
CA SER A 176 0.17 -7.77 -0.10
C SER A 176 -0.03 -7.55 -1.60
N THR A 177 -0.10 -6.29 -2.03
CA THR A 177 -0.37 -5.95 -3.42
C THR A 177 0.75 -5.07 -3.95
N THR A 178 1.09 -5.25 -5.22
CA THR A 178 2.08 -4.42 -5.90
C THR A 178 1.34 -3.39 -6.75
N VAL A 179 1.64 -2.11 -6.54
CA VAL A 179 0.95 -1.02 -7.21
C VAL A 179 1.93 -0.35 -8.17
N PHE A 180 1.62 -0.39 -9.45
CA PHE A 180 2.30 0.37 -10.48
C PHE A 180 1.48 1.62 -10.78
N SER A 181 2.18 2.72 -11.08
CA SER A 181 1.52 4.00 -11.29
C SER A 181 2.15 4.71 -12.47
N PHE A 182 1.32 5.12 -13.43
CA PHE A 182 1.76 5.88 -14.61
C PHE A 182 1.25 7.31 -14.42
N VAL A 183 2.10 8.19 -13.89
CA VAL A 183 1.74 9.57 -13.66
C VAL A 183 2.05 10.36 -14.92
N ALA A 184 1.08 11.11 -15.43
CA ALA A 184 1.29 11.90 -16.63
C ALA A 184 2.23 13.06 -16.35
N THR A 185 3.07 13.39 -17.33
CA THR A 185 3.97 14.53 -17.19
C THR A 185 3.20 15.84 -17.16
N LYS A 186 2.09 15.92 -17.90
CA LYS A 186 1.24 17.09 -17.92
C LYS A 186 -0.21 16.65 -17.79
N THR A 187 -1.05 17.56 -17.29
CA THR A 187 -2.45 17.23 -17.05
C THR A 187 -3.14 16.87 -18.36
N ILE A 188 -3.93 15.79 -18.33
CA ILE A 188 -4.64 15.30 -19.49
C ILE A 188 -6.13 15.39 -19.17
N THR A 189 -6.78 16.43 -19.69
CA THR A 189 -8.22 16.61 -19.51
C THR A 189 -9.04 15.91 -20.59
N ASN A 190 -8.39 15.40 -21.63
CA ASN A 190 -9.08 14.68 -22.70
C ASN A 190 -8.18 13.51 -23.08
N PHE A 191 -8.55 12.31 -22.66
CA PHE A 191 -7.72 11.12 -22.80
C PHE A 191 -8.38 10.14 -23.76
N SER A 192 -7.58 9.61 -24.68
CA SER A 192 -8.04 8.57 -25.59
C SER A 192 -6.88 7.64 -25.85
N ALA A 193 -7.03 6.37 -25.48
CA ALA A 193 -5.90 5.44 -25.57
C ALA A 193 -6.40 4.01 -25.60
N ASP A 194 -5.46 3.08 -25.67
CA ASP A 194 -5.71 1.65 -25.57
C ASP A 194 -4.82 1.12 -24.44
N LEU A 195 -5.44 0.72 -23.34
CA LEU A 195 -4.70 0.34 -22.14
C LEU A 195 -3.95 -0.98 -22.30
N GLN A 196 -4.17 -1.71 -23.40
CA GLN A 196 -3.40 -2.91 -23.65
C GLN A 196 -1.90 -2.61 -23.74
N LYS A 197 -1.54 -1.42 -24.23
CA LYS A 197 -0.14 -1.04 -24.33
C LYS A 197 0.52 -0.97 -22.95
N PHE A 198 -0.18 -0.39 -21.98
CA PHE A 198 0.37 -0.29 -20.62
C PHE A 198 0.61 -1.66 -20.02
N LEU A 199 -0.38 -2.56 -20.14
CA LEU A 199 -0.24 -3.89 -19.57
C LEU A 199 0.84 -4.69 -20.28
N SER A 200 0.93 -4.54 -21.61
CA SER A 200 1.98 -5.24 -22.35
C SER A 200 3.36 -4.75 -21.95
N TYR A 201 3.52 -3.44 -21.78
CA TYR A 201 4.79 -2.90 -21.30
C TYR A 201 5.12 -3.44 -19.91
N LEU A 202 4.14 -3.48 -19.02
CA LEU A 202 4.38 -3.99 -17.68
C LEU A 202 4.80 -5.45 -17.70
N THR A 203 4.15 -6.27 -18.53
CA THR A 203 4.51 -7.68 -18.59
C THR A 203 5.87 -7.88 -19.24
N LYS A 204 6.22 -7.07 -20.24
CA LYS A 204 7.47 -7.25 -20.94
C LYS A 204 8.67 -6.77 -20.11
N ASN A 205 8.53 -5.64 -19.43
CA ASN A 205 9.65 -5.01 -18.75
C ASN A 205 9.59 -5.11 -17.22
N GLN A 206 8.43 -4.89 -16.62
CA GLN A 206 8.33 -4.79 -15.17
C GLN A 206 8.04 -6.12 -14.49
N GLY A 207 7.94 -7.21 -15.25
CA GLY A 207 7.78 -8.52 -14.63
C GLY A 207 6.36 -8.90 -14.27
N LEU A 208 5.36 -8.28 -14.86
CA LEU A 208 3.98 -8.65 -14.61
C LEU A 208 3.69 -9.99 -15.27
N PRO A 209 3.21 -10.99 -14.54
CA PRO A 209 2.87 -12.27 -15.17
C PRO A 209 1.79 -12.09 -16.22
N SER A 210 1.97 -12.76 -17.35
CA SER A 210 1.06 -12.63 -18.48
C SER A 210 -0.19 -13.51 -18.33
N SER A 211 -0.20 -14.44 -17.38
CA SER A 211 -1.35 -15.30 -17.16
C SER A 211 -2.33 -14.74 -16.14
N GLN A 212 -2.07 -13.54 -15.62
CA GLN A 212 -2.96 -12.94 -14.63
C GLN A 212 -4.32 -12.63 -15.24
N TYR A 213 -5.34 -12.64 -14.39
CA TYR A 213 -6.70 -12.33 -14.79
C TYR A 213 -7.01 -10.88 -14.46
N LEU A 214 -7.40 -10.10 -15.46
CA LEU A 214 -7.80 -8.71 -15.27
C LEU A 214 -9.22 -8.70 -14.72
N ILE A 215 -9.37 -8.35 -13.45
CA ILE A 215 -10.67 -8.46 -12.81
C ILE A 215 -11.42 -7.13 -12.82
N THR A 216 -10.75 -6.00 -12.58
CA THR A 216 -11.50 -4.74 -12.52
C THR A 216 -10.82 -3.66 -13.34
N LEU A 217 -11.65 -2.84 -13.99
CA LEU A 217 -11.24 -1.65 -14.72
C LEU A 217 -12.19 -0.52 -14.37
N GLU A 218 -11.66 0.61 -13.91
CA GLU A 218 -12.48 1.73 -13.48
C GLU A 218 -11.68 3.02 -13.59
N ALA A 219 -12.37 4.15 -13.41
CA ALA A 219 -11.72 5.45 -13.45
C ALA A 219 -12.51 6.42 -12.58
N GLY A 220 -11.80 7.27 -11.85
CA GLY A 220 -12.48 8.20 -10.97
C GLY A 220 -11.50 9.09 -10.24
N THR A 221 -12.03 9.83 -9.27
CA THR A 221 -11.27 10.84 -8.54
C THR A 221 -10.86 10.32 -7.17
N GLU A 222 -9.93 11.05 -6.54
CA GLU A 222 -9.43 10.71 -5.21
C GLU A 222 -9.08 12.00 -4.48
N PRO A 223 -10.03 12.59 -3.76
CA PRO A 223 -9.76 13.81 -3.03
C PRO A 223 -8.93 13.57 -1.77
N PHE A 224 -8.17 14.59 -1.39
CA PHE A 224 -7.46 14.59 -0.13
C PHE A 224 -8.02 15.68 0.78
N VAL A 225 -7.97 16.93 0.30
CA VAL A 225 -8.52 18.09 1.00
C VAL A 225 -9.04 19.04 -0.07
N GLY A 226 -10.33 19.31 -0.05
CA GLY A 226 -10.92 20.20 -1.03
C GLY A 226 -12.22 20.79 -0.53
N THR A 227 -12.42 22.07 -0.81
CA THR A 227 -13.63 22.78 -0.44
C THR A 227 -14.37 23.21 -1.70
N ASN A 228 -15.67 22.92 -1.72
CA ASN A 228 -16.55 23.29 -2.83
C ASN A 228 -15.99 22.77 -4.17
N ALA A 229 -15.81 21.46 -4.24
CA ALA A 229 -15.23 20.85 -5.43
C ALA A 229 -16.27 20.05 -6.19
N LYS A 230 -16.12 20.04 -7.52
CA LYS A 230 -17.03 19.28 -8.38
C LYS A 230 -16.28 18.87 -9.63
N MET A 231 -16.37 17.59 -9.98
CA MET A 231 -15.77 17.06 -11.21
C MET A 231 -16.86 16.48 -12.09
N THR A 232 -16.90 16.90 -13.35
CA THR A 232 -17.90 16.44 -14.29
C THR A 232 -17.21 15.66 -15.41
N VAL A 233 -17.55 14.38 -15.55
CA VAL A 233 -17.10 13.57 -16.66
C VAL A 233 -18.17 13.66 -17.75
N SER A 234 -17.81 14.32 -18.86
CA SER A 234 -18.76 14.50 -19.95
C SER A 234 -18.89 13.23 -20.79
N SER A 235 -17.84 12.41 -20.83
CA SER A 235 -17.89 11.18 -21.61
C SER A 235 -16.90 10.18 -21.02
N PHE A 236 -17.28 8.90 -21.08
CA PHE A 236 -16.43 7.82 -20.61
C PHE A 236 -16.80 6.55 -21.36
N SER A 237 -15.80 5.84 -21.86
CA SER A 237 -16.02 4.61 -22.59
C SER A 237 -14.88 3.65 -22.32
N ALA A 238 -15.19 2.36 -22.31
CA ALA A 238 -14.18 1.32 -22.13
C ALA A 238 -14.75 0.01 -22.62
N ALA A 239 -13.85 -0.89 -23.04
CA ALA A 239 -14.25 -2.22 -23.47
C ALA A 239 -13.03 -3.13 -23.42
N VAL A 240 -13.31 -4.43 -23.33
CA VAL A 240 -12.27 -5.46 -23.32
C VAL A 240 -12.59 -6.44 -24.43
N ASN A 241 -11.67 -6.61 -25.36
CA ASN A 241 -11.87 -7.50 -26.49
C ASN A 241 -11.08 -8.80 -26.34
N LEU B 29 22.83 38.60 16.77
CA LEU B 29 22.48 37.86 15.57
C LEU B 29 21.35 38.56 14.79
N CYS B 30 21.01 38.00 13.64
CA CYS B 30 19.84 38.43 12.86
C CYS B 30 19.94 39.90 12.48
N ILE B 31 20.94 40.19 11.63
CA ILE B 31 21.03 41.50 11.02
C ILE B 31 19.76 41.76 10.21
N GLU B 32 19.28 43.01 10.27
CA GLU B 32 17.95 43.32 9.74
C GLU B 32 17.86 43.07 8.24
N LYS B 33 18.97 43.21 7.51
CA LYS B 33 18.92 42.98 6.07
C LYS B 33 18.56 41.54 5.74
N GLU B 34 19.13 40.58 6.47
CA GLU B 34 18.80 39.19 6.26
C GLU B 34 17.34 38.91 6.58
N ARG B 35 16.83 39.51 7.65
CA ARG B 35 15.42 39.32 8.00
C ARG B 35 14.51 39.88 6.92
N ASP B 36 14.83 41.06 6.39
CA ASP B 36 14.03 41.63 5.32
C ASP B 36 14.07 40.77 4.07
N ALA B 37 15.25 40.27 3.71
CA ALA B 37 15.36 39.42 2.53
C ALA B 37 14.57 38.14 2.69
N LEU B 38 14.65 37.51 3.87
CA LEU B 38 13.91 36.29 4.11
C LEU B 38 12.40 36.55 4.09
N LEU B 39 11.96 37.67 4.65
CA LEU B 39 10.55 38.03 4.60
C LEU B 39 10.08 38.24 3.17
N GLU B 40 10.89 38.91 2.35
CA GLU B 40 10.53 39.11 0.95
C GLU B 40 10.43 37.78 0.21
N PHE B 41 11.35 36.85 0.51
CA PHE B 41 11.27 35.53 -0.09
C PHE B 41 10.02 34.79 0.36
N LYS B 42 9.64 34.93 1.64
CA LYS B 42 8.42 34.33 2.14
C LYS B 42 7.19 34.88 1.43
N ARG B 43 7.18 36.19 1.16
CA ARG B 43 6.01 36.82 0.56
C ARG B 43 5.65 36.19 -0.77
N GLY B 44 6.66 35.81 -1.56
CA GLY B 44 6.39 35.21 -2.86
C GLY B 44 5.75 33.85 -2.75
N LEU B 45 6.22 33.02 -1.83
CA LEU B 45 5.73 31.65 -1.73
C LEU B 45 4.32 31.62 -1.16
N SER B 46 3.54 30.64 -1.60
CA SER B 46 2.17 30.44 -1.16
C SER B 46 2.11 29.14 -0.34
N ASP B 47 2.38 29.26 0.96
CA ASP B 47 2.30 28.11 1.84
C ASP B 47 0.84 27.77 2.15
N ASN B 48 0.58 26.47 2.31
CA ASN B 48 -0.77 26.00 2.58
C ASN B 48 -0.84 24.92 3.64
N PHE B 49 0.28 24.48 4.21
CA PHE B 49 0.27 23.40 5.19
C PHE B 49 1.07 23.76 6.43
N GLY B 50 1.14 25.05 6.76
CA GLY B 50 1.72 25.50 8.00
C GLY B 50 3.21 25.74 7.98
N GLN B 51 3.89 25.41 6.89
CA GLN B 51 5.31 25.71 6.81
C GLN B 51 5.53 27.23 6.72
N LEU B 52 6.71 27.65 7.16
CA LEU B 52 7.11 29.05 7.24
C LEU B 52 6.25 29.87 8.19
N SER B 53 5.38 29.23 8.97
CA SER B 53 4.55 29.95 9.91
C SER B 53 5.36 30.59 11.03
N THR B 54 6.54 30.06 11.33
CA THR B 54 7.42 30.66 12.34
C THR B 54 7.98 32.00 11.88
N TRP B 55 7.94 32.29 10.58
CA TRP B 55 8.50 33.53 10.05
C TRP B 55 7.48 34.65 10.16
N GLY B 56 7.96 35.86 10.40
CA GLY B 56 7.07 37.01 10.46
C GLY B 56 7.82 38.26 10.83
N ASP B 57 7.15 39.39 10.63
CA ASP B 57 7.69 40.70 10.97
C ASP B 57 7.30 41.14 12.38
N GLU B 58 6.48 40.36 13.07
CA GLU B 58 6.05 40.72 14.41
C GLU B 58 7.24 40.76 15.36
N GLU B 59 7.18 41.66 16.33
CA GLU B 59 8.28 41.82 17.28
C GLU B 59 8.51 40.54 18.08
N ASP B 60 7.50 39.69 18.22
CA ASP B 60 7.67 38.44 18.95
C ASP B 60 8.59 37.48 18.22
N LYS B 61 8.71 37.62 16.90
CA LYS B 61 9.54 36.75 16.08
C LYS B 61 10.68 37.53 15.43
N LYS B 62 11.30 38.43 16.19
CA LYS B 62 12.32 39.30 15.63
C LYS B 62 13.61 38.53 15.32
N GLU B 63 13.98 37.57 16.16
CA GLU B 63 15.26 36.89 16.03
C GLU B 63 15.23 35.89 14.89
N CYS B 64 16.19 36.02 13.97
CA CYS B 64 16.25 35.15 12.81
C CYS B 64 16.66 33.73 13.17
N CYS B 65 17.50 33.57 14.20
CA CYS B 65 18.15 32.28 14.45
C CYS B 65 17.15 31.19 14.83
N LYS B 66 16.03 31.56 15.44
CA LYS B 66 15.07 30.59 15.93
C LYS B 66 14.07 30.15 14.87
N TRP B 67 14.12 30.72 13.68
CA TRP B 67 13.18 30.34 12.63
C TRP B 67 13.48 28.93 12.13
N LYS B 68 12.45 28.27 11.64
CA LYS B 68 12.59 26.92 11.11
C LYS B 68 13.28 26.96 9.75
N GLY B 69 14.30 26.11 9.59
CA GLY B 69 15.06 26.07 8.36
C GLY B 69 16.16 27.10 8.25
N ILE B 70 16.35 27.93 9.27
CA ILE B 70 17.34 29.01 9.25
C ILE B 70 18.35 28.74 10.37
N GLU B 71 19.62 28.64 10.01
CA GLU B 71 20.70 28.47 10.96
C GLU B 71 21.74 29.57 10.75
N CYS B 72 22.14 30.21 11.85
CA CYS B 72 23.06 31.33 11.80
C CYS B 72 24.44 30.89 12.26
N ASN B 73 25.36 31.85 12.36
CA ASN B 73 26.68 31.63 12.90
C ASN B 73 26.73 32.14 14.33
N LYS B 74 27.62 31.54 15.13
CA LYS B 74 27.70 31.90 16.54
C LYS B 74 28.26 33.30 16.72
N THR B 75 29.35 33.62 16.04
CA THR B 75 30.00 34.92 16.24
C THR B 75 29.30 36.02 15.44
N THR B 76 29.29 35.89 14.11
CA THR B 76 28.58 36.85 13.28
C THR B 76 27.11 36.44 13.20
N GLY B 77 26.36 37.08 12.31
CA GLY B 77 24.93 36.81 12.25
C GLY B 77 24.42 36.26 10.94
N HIS B 78 25.16 36.47 9.86
CA HIS B 78 24.72 36.02 8.55
C HIS B 78 24.48 34.52 8.56
N VAL B 79 23.33 34.09 8.04
CA VAL B 79 22.90 32.72 8.22
C VAL B 79 23.70 31.81 7.30
N ILE B 80 23.73 30.52 7.66
CA ILE B 80 24.62 29.56 7.02
C ILE B 80 23.82 28.51 6.27
N VAL B 81 22.63 28.20 6.77
CA VAL B 81 21.82 27.09 6.25
C VAL B 81 20.42 27.59 5.97
N LEU B 82 19.86 27.18 4.84
CA LEU B 82 18.46 27.40 4.49
C LEU B 82 17.92 26.08 3.95
N ASP B 83 17.36 25.27 4.84
CA ASP B 83 16.92 23.90 4.51
C ASP B 83 15.40 23.85 4.62
N LEU B 84 14.73 24.26 3.55
CA LEU B 84 13.27 24.15 3.45
C LEU B 84 12.87 22.90 2.66
N HIS B 85 13.31 21.74 3.15
CA HIS B 85 13.03 20.48 2.48
C HIS B 85 11.88 19.75 3.17
N ASN B 86 11.13 19.00 2.39
CA ASN B 86 9.96 18.28 2.87
C ASN B 86 10.17 16.78 2.69
N ALA B 87 9.18 15.99 3.10
CA ALA B 87 9.26 14.55 3.05
C ALA B 87 7.92 13.97 2.64
N PHE B 88 7.96 12.72 2.18
CA PHE B 88 6.76 12.02 1.75
C PHE B 88 6.14 11.27 2.93
N THR B 89 4.83 11.42 3.09
CA THR B 89 4.03 10.59 3.98
C THR B 89 3.06 9.79 3.13
N CYS B 90 3.02 8.48 3.36
CA CYS B 90 2.35 7.57 2.44
C CYS B 90 1.21 6.83 3.12
N SER B 91 0.21 6.49 2.31
CA SER B 91 -1.01 5.84 2.77
C SER B 91 -1.16 4.57 1.94
N ALA B 92 -2.35 3.96 2.04
CA ALA B 92 -2.63 2.70 1.35
C ALA B 92 -2.12 2.67 -0.08
N SER B 93 -2.60 3.59 -0.92
CA SER B 93 -2.18 3.61 -2.32
C SER B 93 -1.88 5.02 -2.81
N ALA B 94 -1.41 5.89 -1.92
CA ALA B 94 -1.07 7.25 -2.31
C ALA B 94 -0.05 7.82 -1.33
N CYS B 95 0.65 8.86 -1.77
CA CYS B 95 1.63 9.55 -0.94
C CYS B 95 1.43 11.04 -1.12
N PHE B 96 1.83 11.81 -0.10
CA PHE B 96 1.61 13.25 -0.10
C PHE B 96 2.86 13.95 0.41
N ALA B 97 3.11 15.15 -0.13
CA ALA B 97 4.23 15.98 0.29
C ALA B 97 3.78 17.44 0.31
N PRO B 98 3.96 18.14 1.42
CA PRO B 98 3.53 19.54 1.48
C PRO B 98 4.43 20.46 0.67
N ARG B 99 4.28 20.43 -0.64
CA ARG B 99 5.17 21.18 -1.52
C ARG B 99 4.83 22.67 -1.49
N LEU B 100 5.88 23.50 -1.52
CA LEU B 100 5.74 24.94 -1.48
C LEU B 100 5.69 25.48 -2.90
N THR B 101 4.56 26.09 -3.26
CA THR B 101 4.35 26.65 -4.59
C THR B 101 4.52 28.16 -4.53
N GLY B 102 5.30 28.71 -5.47
CA GLY B 102 5.53 30.14 -5.49
C GLY B 102 6.64 30.49 -6.47
N LYS B 103 7.14 31.71 -6.33
CA LYS B 103 8.20 32.23 -7.18
C LYS B 103 9.46 32.44 -6.35
N LEU B 104 10.59 31.96 -6.85
CA LEU B 104 11.87 32.06 -6.16
C LEU B 104 12.41 33.48 -6.35
N SER B 105 12.31 34.30 -5.32
CA SER B 105 12.69 35.69 -5.43
C SER B 105 14.21 35.83 -5.54
N PRO B 106 14.70 36.87 -6.22
CA PRO B 106 16.15 37.11 -6.27
C PRO B 106 16.71 37.77 -5.02
N SER B 107 15.86 38.12 -4.05
CA SER B 107 16.35 38.76 -2.83
C SER B 107 17.26 37.84 -2.04
N LEU B 108 17.27 36.55 -2.34
CA LEU B 108 18.20 35.63 -1.72
C LEU B 108 19.65 36.00 -2.02
N LEU B 109 19.89 36.84 -3.03
CA LEU B 109 21.24 37.31 -3.27
C LEU B 109 21.77 38.16 -2.12
N GLU B 110 20.89 38.62 -1.22
CA GLU B 110 21.37 39.25 0.00
C GLU B 110 22.09 38.27 0.92
N LEU B 111 21.98 36.97 0.65
CA LEU B 111 22.68 35.94 1.41
C LEU B 111 24.08 35.76 0.83
N GLU B 112 24.97 36.66 1.24
CA GLU B 112 26.33 36.63 0.71
C GLU B 112 27.19 35.54 1.34
N TYR B 113 26.84 35.05 2.52
CA TYR B 113 27.65 34.06 3.22
C TYR B 113 26.96 32.69 3.30
N LEU B 114 25.86 32.49 2.59
CA LEU B 114 25.17 31.21 2.63
C LEU B 114 26.00 30.12 1.97
N ASN B 115 25.96 28.92 2.55
CA ASN B 115 26.61 27.76 1.95
C ASN B 115 25.76 26.51 1.91
N PHE B 116 24.57 26.52 2.51
CA PHE B 116 23.66 25.38 2.49
C PHE B 116 22.32 25.86 1.95
N LEU B 117 21.81 25.15 0.93
CA LEU B 117 20.55 25.52 0.29
C LEU B 117 19.87 24.23 -0.17
N ASP B 118 18.93 23.74 0.64
CA ASP B 118 18.21 22.50 0.35
C ASP B 118 16.73 22.81 0.18
N LEU B 119 16.31 22.99 -1.07
CA LEU B 119 14.90 23.12 -1.43
C LEU B 119 14.59 21.96 -2.38
N SER B 120 14.29 20.80 -1.81
CA SER B 120 14.25 19.59 -2.62
C SER B 120 12.86 19.21 -3.11
N VAL B 121 11.94 18.93 -2.18
CA VAL B 121 10.68 18.29 -2.57
C VAL B 121 9.63 19.31 -2.98
N ASN B 122 9.83 20.59 -2.66
CA ASN B 122 8.86 21.60 -3.01
C ASN B 122 8.75 21.74 -4.52
N GLU B 123 7.52 21.99 -5.00
CA GLU B 123 7.30 22.28 -6.41
C GLU B 123 7.01 23.78 -6.55
N PHE B 124 7.93 24.48 -7.19
CA PHE B 124 7.79 25.92 -7.40
C PHE B 124 7.09 26.13 -8.74
N GLU B 125 7.13 27.36 -9.25
CA GLU B 125 6.77 27.59 -10.64
C GLU B 125 7.60 26.66 -11.52
N ARG B 126 6.92 25.73 -12.20
CA ARG B 126 7.60 24.65 -12.90
C ARG B 126 8.30 25.22 -14.13
N SER B 127 9.42 25.90 -13.87
CA SER B 127 10.18 26.57 -14.91
C SER B 127 11.68 26.32 -14.72
N GLU B 128 12.50 27.08 -15.43
CA GLU B 128 13.94 26.87 -15.40
C GLU B 128 14.51 27.19 -14.03
N ILE B 129 15.67 26.61 -13.75
CA ILE B 129 16.37 26.88 -12.49
C ILE B 129 16.79 28.35 -12.46
N PRO B 130 16.60 29.06 -11.35
CA PRO B 130 16.97 30.47 -11.32
C PRO B 130 18.46 30.68 -11.55
N ARG B 131 18.80 31.79 -12.21
CA ARG B 131 20.18 32.04 -12.59
C ARG B 131 20.99 32.67 -11.46
N PHE B 132 20.34 33.32 -10.49
CA PHE B 132 21.10 34.02 -9.47
C PHE B 132 21.80 33.08 -8.50
N ILE B 133 21.44 31.78 -8.54
CA ILE B 133 22.09 30.81 -7.67
C ILE B 133 23.60 30.77 -7.94
N CYS B 134 24.02 31.10 -9.16
CA CYS B 134 25.43 31.10 -9.50
C CYS B 134 26.21 32.20 -8.80
N SER B 135 25.53 33.17 -8.18
CA SER B 135 26.17 34.34 -7.62
C SER B 135 26.08 34.34 -6.09
N PHE B 136 26.29 33.18 -5.48
CA PHE B 136 26.36 33.08 -4.03
C PHE B 136 27.79 33.11 -3.49
N LYS B 137 28.75 32.74 -4.33
CA LYS B 137 30.20 32.87 -4.14
C LYS B 137 30.71 32.18 -2.88
N ARG B 138 29.82 31.51 -2.14
CA ARG B 138 30.25 30.73 -0.99
C ARG B 138 29.46 29.43 -0.84
N LEU B 139 28.68 29.05 -1.84
CA LEU B 139 27.85 27.85 -1.72
C LEU B 139 28.72 26.60 -1.67
N GLU B 140 28.38 25.70 -0.74
CA GLU B 140 29.03 24.41 -0.62
C GLU B 140 28.06 23.25 -0.68
N TYR B 141 26.76 23.52 -0.80
CA TYR B 141 25.74 22.48 -0.84
C TYR B 141 24.57 23.00 -1.65
N LEU B 142 23.97 22.12 -2.45
CA LEU B 142 22.84 22.50 -3.29
C LEU B 142 22.06 21.25 -3.64
N ASN B 143 20.81 21.17 -3.17
CA ASN B 143 19.97 20.00 -3.39
C ASN B 143 18.59 20.48 -3.85
N LEU B 144 18.38 20.47 -5.16
CA LEU B 144 17.09 20.78 -5.76
C LEU B 144 16.43 19.54 -6.33
N SER B 145 16.74 18.37 -5.78
CA SER B 145 16.24 17.11 -6.31
C SER B 145 14.78 16.91 -5.97
N SER B 146 14.04 16.31 -6.90
CA SER B 146 12.63 15.96 -6.78
C SER B 146 11.71 17.17 -6.76
N SER B 147 12.21 18.36 -7.10
CA SER B 147 11.34 19.49 -7.39
C SER B 147 10.80 19.33 -8.80
N PHE B 148 9.99 20.28 -9.26
CA PHE B 148 9.39 20.24 -10.58
C PHE B 148 10.04 21.23 -11.54
N PHE B 149 11.35 21.42 -11.39
CA PHE B 149 12.09 22.26 -12.32
C PHE B 149 12.15 21.60 -13.70
N SER B 150 12.22 22.43 -14.73
CA SER B 150 12.27 21.95 -16.11
C SER B 150 13.24 22.84 -16.89
N GLY B 151 13.37 22.52 -18.18
CA GLY B 151 14.21 23.32 -19.06
C GLY B 151 15.68 22.98 -18.95
N LEU B 152 16.48 23.73 -19.70
CA LEU B 152 17.92 23.53 -19.71
C LEU B 152 18.54 23.98 -18.40
N ILE B 153 19.64 23.33 -18.04
CA ILE B 153 20.40 23.75 -16.86
C ILE B 153 21.07 25.09 -17.16
N PRO B 154 20.98 26.08 -16.28
CA PRO B 154 21.58 27.38 -16.56
C PRO B 154 23.09 27.27 -16.78
N THR B 155 23.59 28.04 -17.75
CA THR B 155 25.00 27.98 -18.12
C THR B 155 25.88 28.82 -17.20
N GLN B 156 25.29 29.65 -16.34
CA GLN B 156 26.08 30.45 -15.41
C GLN B 156 26.61 29.65 -14.23
N PHE B 157 26.19 28.40 -14.09
CA PHE B 157 26.66 27.55 -12.99
C PHE B 157 28.16 27.39 -12.96
N LYS B 158 28.87 27.86 -13.99
CA LYS B 158 30.33 27.85 -13.97
C LYS B 158 30.89 28.76 -12.88
N ASN B 159 30.08 29.66 -12.34
CA ASN B 159 30.56 30.54 -11.28
C ASN B 159 30.55 29.88 -9.90
N LEU B 160 29.91 28.73 -9.75
CA LEU B 160 29.87 28.02 -8.47
C LEU B 160 31.18 27.26 -8.28
N THR B 161 32.23 28.03 -7.98
CA THR B 161 33.57 27.46 -7.87
C THR B 161 33.74 26.62 -6.61
N SER B 162 33.01 26.94 -5.55
CA SER B 162 33.22 26.33 -4.25
C SER B 162 32.19 25.25 -3.94
N LEU B 163 31.42 24.80 -4.92
CA LEU B 163 30.42 23.77 -4.68
C LEU B 163 31.08 22.43 -4.40
N ARG B 164 30.53 21.70 -3.43
CA ARG B 164 30.97 20.36 -3.10
C ARG B 164 29.89 19.30 -3.27
N ILE B 165 28.64 19.63 -2.97
CA ILE B 165 27.52 18.69 -3.09
C ILE B 165 26.51 19.32 -4.03
N LEU B 166 26.21 18.61 -5.12
CA LEU B 166 25.28 19.11 -6.13
C LEU B 166 24.27 18.01 -6.47
N ASP B 167 23.01 18.25 -6.15
CA ASP B 167 21.94 17.30 -6.41
C ASP B 167 20.87 17.99 -7.25
N LEU B 168 20.67 17.50 -8.47
CA LEU B 168 19.67 18.02 -9.40
C LEU B 168 18.93 16.88 -10.07
N GLY B 169 18.63 15.83 -9.32
CA GLY B 169 18.08 14.62 -9.87
C GLY B 169 16.56 14.56 -9.85
N TYR B 170 16.02 13.81 -10.79
CA TYR B 170 14.60 13.47 -10.83
C TYR B 170 13.72 14.72 -10.95
N ASN B 171 14.14 15.63 -11.81
CA ASN B 171 13.31 16.73 -12.30
C ASN B 171 13.18 16.59 -13.81
N ASN B 172 12.23 17.31 -14.38
CA ASN B 172 12.02 17.23 -15.83
C ASN B 172 13.04 18.11 -16.56
N LEU B 173 14.31 17.89 -16.29
CA LEU B 173 15.39 18.68 -16.88
C LEU B 173 15.82 18.08 -18.21
N ILE B 174 16.48 18.90 -19.01
CA ILE B 174 17.06 18.48 -20.29
C ILE B 174 18.53 18.86 -20.26
N VAL B 175 19.40 17.86 -20.30
CA VAL B 175 20.84 18.06 -20.25
C VAL B 175 21.44 17.50 -21.53
N LYS B 176 22.09 18.37 -22.31
CA LYS B 176 22.77 17.94 -23.51
C LYS B 176 24.15 18.57 -23.69
N ASP B 177 24.59 19.41 -22.75
CA ASP B 177 25.93 19.98 -22.78
C ASP B 177 26.45 20.07 -21.36
N LEU B 178 27.64 19.54 -21.13
CA LEU B 178 28.24 19.51 -19.80
C LEU B 178 29.51 20.34 -19.74
N THR B 179 29.57 21.42 -20.54
CA THR B 179 30.76 22.25 -20.58
C THR B 179 30.98 23.03 -19.30
N TRP B 180 29.93 23.25 -18.50
CA TRP B 180 30.06 23.99 -17.26
C TRP B 180 30.71 23.18 -16.15
N LEU B 181 30.77 21.85 -16.28
CA LEU B 181 31.28 21.01 -15.21
C LEU B 181 32.78 21.20 -15.01
N SER B 182 33.51 21.52 -16.07
CA SER B 182 34.96 21.58 -15.99
C SER B 182 35.45 22.64 -15.01
N HIS B 183 34.67 23.69 -14.80
CA HIS B 183 35.09 24.77 -13.93
C HIS B 183 34.78 24.51 -12.46
N LEU B 184 34.02 23.45 -12.15
CA LEU B 184 33.66 23.10 -10.79
C LEU B 184 34.65 22.07 -10.29
N SER B 185 35.65 22.52 -9.55
CA SER B 185 36.80 21.70 -9.18
C SER B 185 36.82 21.37 -7.69
N SER B 186 35.65 21.19 -7.09
CA SER B 186 35.58 20.82 -5.68
C SER B 186 34.51 19.80 -5.35
N LEU B 187 33.78 19.27 -6.33
CA LEU B 187 32.68 18.36 -6.04
C LEU B 187 33.18 17.03 -5.51
N GLU B 188 32.45 16.48 -4.54
CA GLU B 188 32.61 15.11 -4.09
C GLU B 188 31.34 14.30 -4.34
N LEU B 189 30.36 14.88 -5.04
CA LEU B 189 29.05 14.31 -5.26
C LEU B 189 28.36 15.08 -6.37
N LEU B 190 27.76 14.34 -7.31
CA LEU B 190 27.02 14.97 -8.41
C LEU B 190 25.87 14.05 -8.78
N SER B 191 24.65 14.53 -8.57
CA SER B 191 23.44 13.78 -8.89
C SER B 191 22.73 14.47 -10.04
N LEU B 192 22.53 13.74 -11.14
CA LEU B 192 21.87 14.26 -12.32
C LEU B 192 20.91 13.23 -12.89
N GLY B 193 20.15 12.57 -12.02
CA GLY B 193 19.27 11.52 -12.45
C GLY B 193 17.93 12.01 -12.95
N GLY B 194 17.20 11.11 -13.61
CA GLY B 194 15.87 11.41 -14.08
C GLY B 194 15.80 12.54 -15.09
N SER B 195 16.80 12.66 -15.95
CA SER B 195 16.87 13.72 -16.93
C SER B 195 16.89 13.14 -18.34
N ASP B 196 16.54 13.98 -19.31
CA ASP B 196 16.64 13.62 -20.73
C ASP B 196 18.10 13.73 -21.13
N PHE B 197 18.86 12.71 -20.78
CA PHE B 197 20.31 12.76 -20.89
C PHE B 197 20.74 12.45 -22.32
N GLN B 198 21.54 13.35 -22.90
CA GLN B 198 21.96 13.18 -24.29
C GLN B 198 23.43 13.54 -24.50
N VAL B 199 24.25 13.53 -23.45
CA VAL B 199 25.66 13.89 -23.55
C VAL B 199 26.44 12.64 -23.94
N LYS B 200 26.98 12.63 -25.16
CA LYS B 200 27.73 11.47 -25.65
C LYS B 200 29.12 11.36 -25.05
N ASN B 201 29.67 12.46 -24.52
CA ASN B 201 31.02 12.49 -23.97
C ASN B 201 31.02 12.74 -22.46
N TRP B 202 30.03 12.18 -21.77
CA TRP B 202 29.87 12.44 -20.34
C TRP B 202 31.02 11.88 -19.52
N PHE B 203 31.62 10.76 -19.95
CA PHE B 203 32.74 10.20 -19.20
C PHE B 203 33.92 11.16 -19.16
N GLN B 204 34.22 11.81 -20.30
CA GLN B 204 35.34 12.74 -20.35
C GLN B 204 35.09 13.95 -19.45
N GLU B 205 33.85 14.44 -19.43
CA GLU B 205 33.54 15.60 -18.59
C GLU B 205 33.55 15.23 -17.11
N ILE B 206 33.04 14.04 -16.77
CA ILE B 206 33.02 13.60 -15.38
C ILE B 206 34.43 13.38 -14.87
N THR B 207 35.29 12.81 -15.71
CA THR B 207 36.67 12.52 -15.29
C THR B 207 37.42 13.80 -14.94
N LYS B 208 37.02 14.94 -15.51
CA LYS B 208 37.71 16.20 -15.24
C LYS B 208 37.54 16.68 -13.81
N LEU B 209 36.63 16.08 -13.04
CA LEU B 209 36.46 16.42 -11.63
C LEU B 209 37.37 15.52 -10.79
N PRO B 210 38.53 16.02 -10.34
CA PRO B 210 39.50 15.14 -9.69
C PRO B 210 38.99 14.48 -8.41
N LEU B 211 38.12 15.15 -7.66
CA LEU B 211 37.75 14.68 -6.32
C LEU B 211 36.34 14.07 -6.29
N LEU B 212 35.84 13.59 -7.43
CA LEU B 212 34.51 12.99 -7.46
C LEU B 212 34.53 11.63 -6.77
N LYS B 213 33.54 11.40 -5.92
CA LYS B 213 33.43 10.15 -5.18
C LYS B 213 32.16 9.37 -5.50
N GLU B 214 31.01 10.03 -5.51
CA GLU B 214 29.73 9.37 -5.76
C GLU B 214 29.07 9.98 -6.98
N LEU B 215 28.55 9.14 -7.86
CA LEU B 215 27.95 9.57 -9.10
C LEU B 215 26.54 9.00 -9.21
N ASP B 216 25.57 9.88 -9.43
CA ASP B 216 24.17 9.50 -9.65
C ASP B 216 23.81 9.80 -11.10
N LEU B 217 23.51 8.75 -11.85
CA LEU B 217 23.06 8.88 -13.24
C LEU B 217 21.93 7.90 -13.51
N SER B 218 21.02 7.76 -12.54
CA SER B 218 19.90 6.84 -12.67
C SER B 218 18.79 7.45 -13.51
N LEU B 219 18.00 6.59 -14.14
CA LEU B 219 16.84 6.90 -14.96
C LEU B 219 17.21 7.61 -16.26
N CYS B 220 18.49 7.94 -16.47
CA CYS B 220 18.92 8.49 -17.74
C CYS B 220 18.93 7.41 -18.81
N GLY B 221 19.19 7.81 -20.05
CA GLY B 221 19.29 6.84 -21.12
C GLY B 221 20.70 6.37 -21.37
N LEU B 222 21.41 5.96 -20.30
CA LEU B 222 22.80 5.56 -20.43
C LEU B 222 22.98 4.32 -21.29
N SER B 223 21.92 3.56 -21.56
CA SER B 223 22.04 2.41 -22.46
C SER B 223 22.43 2.86 -23.86
N LYS B 224 21.83 3.95 -24.34
CA LYS B 224 22.15 4.46 -25.67
C LYS B 224 23.49 5.16 -25.74
N LEU B 225 24.04 5.59 -24.60
CA LEU B 225 25.30 6.33 -24.56
C LEU B 225 26.29 5.57 -23.70
N VAL B 226 27.01 4.65 -24.31
CA VAL B 226 28.05 3.86 -23.64
C VAL B 226 29.41 4.45 -24.00
N PRO B 227 30.29 4.67 -23.03
CA PRO B 227 31.61 5.24 -23.35
C PRO B 227 32.43 4.30 -24.22
N SER B 228 33.24 4.91 -25.08
CA SER B 228 34.14 4.20 -25.98
C SER B 228 35.47 3.90 -25.29
N PRO B 229 36.14 2.80 -25.65
CA PRO B 229 37.44 2.50 -25.03
C PRO B 229 38.48 3.58 -25.26
N ALA B 230 38.45 4.25 -26.42
CA ALA B 230 39.44 5.29 -26.70
C ALA B 230 39.32 6.45 -25.73
N GLU B 231 38.10 6.90 -25.45
CA GLU B 231 37.93 8.04 -24.55
C GLU B 231 38.15 7.64 -23.10
N ILE B 232 37.93 6.38 -22.75
CA ILE B 232 38.31 5.90 -21.42
C ILE B 232 39.82 5.90 -21.29
N ALA B 233 40.53 5.54 -22.36
CA ALA B 233 41.99 5.64 -22.36
C ALA B 233 42.44 7.09 -22.26
N ASN B 234 41.79 7.99 -23.02
CA ASN B 234 42.12 9.41 -22.97
C ASN B 234 41.30 10.08 -21.86
N SER B 235 41.72 9.82 -20.63
CA SER B 235 41.07 10.41 -19.47
C SER B 235 41.99 10.27 -18.27
N SER B 236 41.76 11.11 -17.27
CA SER B 236 42.49 11.02 -16.01
C SER B 236 41.90 9.90 -15.16
N LEU B 237 42.35 9.78 -13.92
CA LEU B 237 41.85 8.79 -12.99
C LEU B 237 41.26 9.48 -11.78
N ILE B 238 40.00 9.14 -11.47
CA ILE B 238 39.30 9.69 -10.32
C ILE B 238 38.69 8.54 -9.53
N SER B 239 38.82 8.59 -8.20
CA SER B 239 38.49 7.47 -7.34
C SER B 239 37.02 7.57 -6.92
N LEU B 240 36.16 6.89 -7.67
CA LEU B 240 34.75 6.82 -7.33
C LEU B 240 34.49 5.74 -6.29
N SER B 241 33.49 5.99 -5.44
CA SER B 241 33.15 5.07 -4.36
C SER B 241 31.75 4.49 -4.51
N VAL B 242 30.75 5.33 -4.76
CA VAL B 242 29.36 4.90 -4.85
C VAL B 242 28.83 5.22 -6.24
N LEU B 243 28.23 4.23 -6.88
CA LEU B 243 27.58 4.40 -8.17
C LEU B 243 26.10 4.08 -8.02
N HIS B 244 25.25 5.00 -8.48
CA HIS B 244 23.80 4.80 -8.49
C HIS B 244 23.38 4.82 -9.96
N LEU B 245 23.45 3.67 -10.61
CA LEU B 245 23.13 3.53 -12.03
C LEU B 245 21.94 2.58 -12.15
N CYS B 246 20.74 3.14 -12.08
CA CYS B 246 19.52 2.36 -12.16
C CYS B 246 18.62 2.88 -13.26
N CYS B 247 17.64 2.05 -13.62
CA CYS B 247 16.55 2.45 -14.50
C CYS B 247 17.03 2.80 -15.90
N ASN B 248 18.11 2.16 -16.34
CA ASN B 248 18.60 2.26 -17.71
C ASN B 248 18.47 0.89 -18.36
N GLU B 249 17.96 0.86 -19.59
CA GLU B 249 17.71 -0.41 -20.25
C GLU B 249 19.03 -1.06 -20.70
N PHE B 250 19.85 -1.48 -19.74
CA PHE B 250 21.14 -2.07 -20.06
C PHE B 250 20.95 -3.43 -20.74
N SER B 251 20.32 -4.38 -20.04
CA SER B 251 19.95 -5.70 -20.52
C SER B 251 21.14 -6.58 -20.90
N SER B 252 22.37 -6.12 -20.69
CA SER B 252 23.54 -6.92 -21.02
C SER B 252 24.73 -6.39 -20.26
N SER B 253 25.76 -7.23 -20.13
CA SER B 253 26.97 -6.85 -19.41
C SER B 253 27.93 -6.03 -20.25
N ALA B 254 27.68 -5.90 -21.55
CA ALA B 254 28.58 -5.14 -22.41
C ALA B 254 28.33 -3.64 -22.37
N LYS B 255 27.24 -3.19 -21.75
CA LYS B 255 26.88 -1.79 -21.74
C LYS B 255 27.22 -1.07 -20.44
N TYR B 256 27.61 -1.80 -19.39
CA TYR B 256 28.04 -1.18 -18.14
C TYR B 256 29.44 -1.63 -17.73
N SER B 257 30.21 -2.20 -18.65
CA SER B 257 31.54 -2.69 -18.32
C SER B 257 32.49 -1.56 -17.89
N TRP B 258 32.21 -0.32 -18.30
CA TRP B 258 33.10 0.79 -17.99
C TRP B 258 33.31 0.97 -16.49
N LEU B 259 32.33 0.60 -15.68
CA LEU B 259 32.47 0.77 -14.24
C LEU B 259 33.57 -0.11 -13.65
N PHE B 260 34.10 -1.04 -14.43
CA PHE B 260 35.21 -1.87 -14.00
C PHE B 260 36.55 -1.18 -14.20
N ASN B 261 36.56 0.07 -14.65
CA ASN B 261 37.70 0.96 -14.46
C ASN B 261 37.72 1.61 -13.09
N PHE B 262 37.01 1.04 -12.11
CA PHE B 262 36.95 1.62 -10.79
C PHE B 262 37.02 0.55 -9.71
N SER B 263 37.65 -0.59 -10.02
CA SER B 263 37.69 -1.70 -9.09
C SER B 263 38.47 -1.35 -7.82
N THR B 264 39.46 -0.47 -7.93
CA THR B 264 40.29 -0.16 -6.76
C THR B 264 39.49 0.55 -5.67
N SER B 265 38.59 1.47 -6.05
CA SER B 265 37.95 2.35 -5.09
C SER B 265 36.45 2.15 -4.96
N LEU B 266 35.85 1.27 -5.77
CA LEU B 266 34.41 1.07 -5.69
C LEU B 266 34.00 0.50 -4.33
N THR B 267 32.96 1.09 -3.75
CA THR B 267 32.42 0.63 -2.47
C THR B 267 30.93 0.35 -2.51
N SER B 268 30.18 0.87 -3.48
CA SER B 268 28.75 0.65 -3.55
C SER B 268 28.29 0.75 -5.00
N ILE B 269 27.53 -0.24 -5.44
CA ILE B 269 26.99 -0.29 -6.80
C ILE B 269 25.50 -0.57 -6.71
N ASP B 270 24.70 0.24 -7.40
CA ASP B 270 23.25 0.09 -7.40
C ASP B 270 22.80 -0.04 -8.85
N LEU B 271 22.46 -1.25 -9.26
CA LEU B 271 22.11 -1.55 -10.64
C LEU B 271 20.72 -2.16 -10.75
N SER B 272 19.76 -1.60 -10.03
CA SER B 272 18.42 -2.16 -10.01
C SER B 272 17.61 -1.66 -11.20
N ASN B 273 16.60 -2.47 -11.58
CA ASN B 273 15.66 -2.15 -12.65
C ASN B 273 16.38 -1.84 -13.96
N ASN B 274 17.09 -2.86 -14.47
CA ASN B 274 17.87 -2.71 -15.69
C ASN B 274 17.54 -3.77 -16.74
N GLN B 275 16.54 -4.63 -16.48
CA GLN B 275 16.13 -5.67 -17.42
C GLN B 275 17.30 -6.56 -17.82
N LEU B 276 18.18 -6.84 -16.86
CA LEU B 276 19.35 -7.68 -17.14
C LEU B 276 18.91 -9.10 -17.44
N ASP B 277 19.45 -9.66 -18.52
CA ASP B 277 19.10 -11.01 -18.98
C ASP B 277 20.40 -11.78 -19.20
N GLY B 278 20.91 -12.40 -18.15
CA GLY B 278 22.12 -13.20 -18.27
C GLY B 278 22.75 -13.42 -16.91
N GLN B 279 23.87 -14.11 -16.94
CA GLN B 279 24.63 -14.36 -15.72
C GLN B 279 25.14 -13.07 -15.12
N ILE B 280 25.14 -12.99 -13.78
CA ILE B 280 25.79 -11.90 -13.10
C ILE B 280 27.27 -11.92 -13.46
N ASP B 281 27.81 -10.76 -13.80
CA ASP B 281 29.18 -10.69 -14.31
C ASP B 281 30.16 -11.20 -13.27
N ASP B 282 31.09 -12.05 -13.72
CA ASP B 282 32.07 -12.64 -12.81
C ASP B 282 33.02 -11.61 -12.23
N ARG B 283 33.13 -10.44 -12.86
CA ARG B 283 34.02 -9.39 -12.37
C ARG B 283 33.40 -8.60 -11.22
N PHE B 284 32.15 -8.87 -10.87
CA PHE B 284 31.59 -8.30 -9.64
C PHE B 284 32.35 -8.81 -8.43
N GLY B 285 32.71 -10.09 -8.43
CA GLY B 285 33.72 -10.57 -7.51
C GLY B 285 35.07 -9.97 -7.87
N ASN B 286 36.00 -10.08 -6.93
CA ASN B 286 37.32 -9.44 -6.99
C ASN B 286 37.22 -7.92 -6.90
N LEU B 287 36.07 -7.39 -6.51
CA LEU B 287 35.90 -5.97 -6.24
C LEU B 287 36.14 -5.74 -4.75
N MET B 288 37.36 -5.39 -4.39
CA MET B 288 37.66 -5.10 -3.00
C MET B 288 36.90 -3.86 -2.54
N TYR B 289 36.68 -3.79 -1.23
CA TYR B 289 36.00 -2.70 -0.55
C TYR B 289 34.52 -2.58 -0.91
N LEU B 290 33.96 -3.56 -1.62
CA LEU B 290 32.55 -3.52 -1.96
C LEU B 290 31.70 -3.83 -0.73
N GLU B 291 30.67 -3.00 -0.50
CA GLU B 291 29.83 -3.15 0.68
C GLU B 291 28.34 -3.09 0.40
N HIS B 292 27.91 -2.67 -0.79
CA HIS B 292 26.48 -2.48 -1.06
C HIS B 292 26.24 -2.78 -2.53
N LEU B 293 25.72 -3.96 -2.81
CA LEU B 293 25.38 -4.38 -4.17
C LEU B 293 23.87 -4.55 -4.26
N ASN B 294 23.25 -3.83 -5.19
CA ASN B 294 21.81 -3.90 -5.42
C ASN B 294 21.57 -4.34 -6.86
N LEU B 295 20.98 -5.52 -7.03
CA LEU B 295 20.69 -6.06 -8.34
C LEU B 295 19.22 -6.48 -8.46
N ALA B 296 18.33 -5.76 -7.78
CA ALA B 296 16.93 -6.13 -7.72
C ALA B 296 16.21 -5.81 -9.02
N ASN B 297 15.13 -6.56 -9.28
CA ASN B 297 14.18 -6.29 -10.36
C ASN B 297 14.87 -6.33 -11.73
N GLU B 298 15.37 -7.51 -12.06
CA GLU B 298 15.92 -7.80 -13.37
C GLU B 298 15.03 -8.82 -14.09
N LEU B 299 15.46 -9.21 -15.29
CA LEU B 299 14.65 -10.10 -16.12
C LEU B 299 14.95 -11.57 -15.82
N ASN B 300 16.20 -11.98 -16.01
CA ASN B 300 16.57 -13.38 -15.80
C ASN B 300 18.06 -13.45 -15.50
N LEU B 301 18.41 -13.82 -14.27
CA LEU B 301 19.81 -13.89 -13.87
C LEU B 301 20.42 -15.27 -14.08
N LYS B 302 19.59 -16.31 -14.20
CA LYS B 302 19.99 -17.61 -14.75
C LYS B 302 21.14 -18.24 -13.95
N GLY B 303 20.88 -18.47 -12.66
CA GLY B 303 21.84 -19.13 -11.78
C GLY B 303 22.25 -18.30 -10.58
N GLY B 304 21.99 -17.00 -10.58
CA GLY B 304 22.28 -16.20 -9.40
C GLY B 304 23.76 -15.95 -9.24
N ILE B 305 24.21 -15.95 -7.99
CA ILE B 305 25.60 -15.64 -7.64
C ILE B 305 26.52 -16.68 -8.26
N PRO B 306 27.51 -16.27 -9.05
CA PRO B 306 28.43 -17.23 -9.66
C PRO B 306 29.53 -17.62 -8.68
N SER B 307 30.41 -18.51 -9.14
CA SER B 307 31.52 -18.97 -8.31
C SER B 307 32.53 -17.87 -8.03
N SER B 308 32.50 -16.78 -8.80
CA SER B 308 33.48 -15.71 -8.62
C SER B 308 33.34 -15.01 -7.28
N PHE B 309 32.19 -15.12 -6.63
CA PHE B 309 32.02 -14.55 -5.30
C PHE B 309 32.75 -15.41 -4.28
N GLY B 310 32.62 -15.06 -3.00
CA GLY B 310 33.44 -15.64 -1.98
C GLY B 310 34.80 -14.99 -1.83
N ASN B 311 35.17 -14.13 -2.77
CA ASN B 311 36.36 -13.29 -2.68
C ASN B 311 36.05 -11.89 -2.17
N LEU B 312 34.79 -11.62 -1.80
CA LEU B 312 34.38 -10.25 -1.49
C LEU B 312 34.98 -9.78 -0.18
N THR B 313 34.68 -10.48 0.92
CA THR B 313 35.26 -10.30 2.25
C THR B 313 34.74 -9.03 2.95
N ARG B 314 33.96 -8.19 2.27
CA ARG B 314 33.51 -6.95 2.89
C ARG B 314 32.04 -6.64 2.60
N LEU B 315 31.28 -7.59 2.06
CA LEU B 315 29.92 -7.34 1.63
C LEU B 315 29.02 -7.11 2.84
N ARG B 316 28.21 -6.05 2.78
CA ARG B 316 27.28 -5.72 3.85
C ARG B 316 25.83 -5.56 3.38
N TYR B 317 25.55 -5.73 2.09
CA TYR B 317 24.21 -5.57 1.56
C TYR B 317 24.17 -6.22 0.19
N LEU B 318 23.20 -7.10 -0.02
CA LEU B 318 23.08 -7.81 -1.28
C LEU B 318 21.60 -8.02 -1.57
N ASP B 319 21.08 -7.27 -2.53
CA ASP B 319 19.67 -7.31 -2.91
C ASP B 319 19.56 -7.89 -4.32
N MET B 320 19.05 -9.11 -4.41
CA MET B 320 18.80 -9.77 -5.68
C MET B 320 17.33 -10.16 -5.78
N SER B 321 16.45 -9.25 -5.37
CA SER B 321 15.02 -9.53 -5.34
C SER B 321 14.42 -9.53 -6.74
N ASN B 322 13.50 -10.46 -6.96
CA ASN B 322 12.72 -10.53 -8.20
C ASN B 322 13.62 -10.56 -9.43
N THR B 323 14.45 -11.59 -9.51
CA THR B 323 15.42 -11.71 -10.58
C THR B 323 15.43 -13.09 -11.24
N ARG B 324 14.65 -14.05 -10.75
CA ARG B 324 14.62 -15.41 -11.27
C ARG B 324 16.02 -16.03 -11.23
N THR B 325 16.55 -16.13 -10.01
CA THR B 325 17.92 -16.59 -9.84
C THR B 325 18.05 -18.07 -10.19
N TYR B 326 17.17 -18.91 -9.65
CA TYR B 326 17.24 -20.37 -9.80
C TYR B 326 18.60 -20.90 -9.34
N GLN B 327 18.84 -20.73 -8.05
CA GLN B 327 20.07 -21.16 -7.41
C GLN B 327 19.77 -22.04 -6.22
N TRP B 328 20.68 -22.96 -5.92
CA TRP B 328 20.57 -23.81 -4.74
C TRP B 328 21.02 -23.01 -3.51
N LEU B 329 20.15 -22.95 -2.51
CA LEU B 329 20.40 -22.07 -1.37
C LEU B 329 21.70 -22.38 -0.63
N PRO B 330 22.04 -23.63 -0.31
CA PRO B 330 23.36 -23.87 0.28
C PRO B 330 24.52 -23.43 -0.60
N GLU B 331 24.38 -23.55 -1.92
CA GLU B 331 25.42 -23.06 -2.81
C GLU B 331 25.58 -21.55 -2.70
N LEU B 332 24.47 -20.82 -2.61
CA LEU B 332 24.55 -19.37 -2.43
C LEU B 332 25.21 -19.02 -1.11
N PHE B 333 24.85 -19.74 -0.04
CA PHE B 333 25.42 -19.44 1.27
C PHE B 333 26.91 -19.77 1.31
N VAL B 334 27.34 -20.83 0.60
CA VAL B 334 28.76 -21.17 0.61
C VAL B 334 29.54 -20.25 -0.30
N ARG B 335 28.90 -19.69 -1.34
CA ARG B 335 29.57 -18.70 -2.18
C ARG B 335 29.58 -17.32 -1.56
N LEU B 336 28.74 -17.07 -0.55
CA LEU B 336 28.79 -15.83 0.22
C LEU B 336 29.64 -15.98 1.48
N SER B 337 30.47 -17.02 1.56
CA SER B 337 31.20 -17.35 2.78
C SER B 337 32.26 -16.32 3.15
N GLY B 338 32.63 -15.42 2.23
CA GLY B 338 33.65 -14.44 2.55
C GLY B 338 33.20 -13.36 3.51
N SER B 339 31.92 -13.02 3.50
CA SER B 339 31.38 -11.90 4.28
C SER B 339 30.52 -12.38 5.44
N ARG B 340 30.90 -13.48 6.09
CA ARG B 340 30.13 -13.98 7.22
C ARG B 340 30.10 -12.97 8.36
N LYS B 341 31.24 -12.36 8.67
CA LYS B 341 31.35 -11.47 9.81
C LYS B 341 30.81 -10.07 9.52
N THR B 342 30.42 -9.77 8.29
CA THR B 342 30.03 -8.40 7.92
C THR B 342 28.68 -8.29 7.24
N LEU B 343 28.15 -9.35 6.64
CA LEU B 343 26.91 -9.24 5.89
C LEU B 343 25.75 -8.97 6.84
N GLU B 344 24.99 -7.92 6.57
CA GLU B 344 23.93 -7.46 7.46
C GLU B 344 22.54 -7.68 6.90
N VAL B 345 22.30 -7.30 5.64
CA VAL B 345 20.99 -7.44 5.01
C VAL B 345 21.17 -8.31 3.77
N LEU B 346 20.29 -9.29 3.62
CA LEU B 346 20.36 -10.24 2.50
C LEU B 346 18.95 -10.42 1.96
N GLY B 347 18.60 -9.65 0.92
CA GLY B 347 17.30 -9.79 0.29
C GLY B 347 17.33 -10.71 -0.89
N LEU B 348 16.61 -11.84 -0.79
CA LEU B 348 16.60 -12.85 -1.84
C LEU B 348 15.19 -13.36 -2.07
N ASN B 349 14.22 -12.46 -2.15
CA ASN B 349 12.82 -12.84 -2.27
C ASN B 349 12.32 -12.67 -3.69
N ASP B 350 11.14 -13.25 -3.95
CA ASP B 350 10.48 -13.20 -5.26
C ASP B 350 11.31 -13.86 -6.35
N ASN B 351 12.25 -14.72 -5.94
CA ASN B 351 13.06 -15.52 -6.85
C ASN B 351 12.51 -16.94 -6.87
N SER B 352 13.23 -17.84 -7.53
CA SER B 352 12.89 -19.26 -7.54
C SER B 352 14.11 -20.03 -7.04
N MET B 353 14.23 -20.14 -5.72
CA MET B 353 15.35 -20.82 -5.10
C MET B 353 14.87 -22.05 -4.35
N PHE B 354 15.60 -23.15 -4.50
CA PHE B 354 15.24 -24.43 -3.93
C PHE B 354 16.35 -24.93 -3.02
N GLY B 355 15.97 -25.77 -2.06
CA GLY B 355 16.88 -26.35 -1.11
C GLY B 355 16.36 -26.17 0.30
N SER B 356 17.28 -26.24 1.25
CA SER B 356 16.95 -26.16 2.67
C SER B 356 17.81 -25.11 3.35
N LEU B 357 17.18 -24.32 4.23
CA LEU B 357 17.88 -23.28 4.98
C LEU B 357 18.61 -23.97 6.13
N VAL B 358 19.90 -24.22 5.93
CA VAL B 358 20.72 -24.92 6.90
C VAL B 358 21.87 -24.01 7.33
N ASP B 359 22.13 -23.97 8.63
CA ASP B 359 23.28 -23.27 9.21
C ASP B 359 23.26 -21.78 8.85
N VAL B 360 22.23 -21.09 9.33
CA VAL B 360 22.13 -19.65 9.09
C VAL B 360 22.75 -18.84 10.22
N THR B 361 22.97 -19.44 11.38
CA THR B 361 23.49 -18.70 12.53
C THR B 361 24.99 -18.48 12.47
N ARG B 362 25.68 -19.05 11.48
CA ARG B 362 27.10 -18.81 11.30
C ARG B 362 27.40 -17.40 10.80
N PHE B 363 26.39 -16.66 10.37
CA PHE B 363 26.55 -15.28 9.92
C PHE B 363 26.41 -14.38 11.16
N SER B 364 27.55 -13.89 11.65
CA SER B 364 27.56 -13.18 12.93
C SER B 364 26.78 -11.87 12.87
N ALA B 365 26.92 -11.12 11.78
CA ALA B 365 26.37 -9.78 11.68
C ALA B 365 25.04 -9.71 10.93
N LEU B 366 24.46 -10.86 10.57
CA LEU B 366 23.19 -10.85 9.86
C LEU B 366 22.09 -10.27 10.74
N LYS B 367 21.28 -9.39 10.15
CA LYS B 367 20.18 -8.77 10.89
C LYS B 367 18.85 -8.94 10.16
N ARG B 368 18.88 -8.93 8.83
CA ARG B 368 17.68 -9.11 8.02
C ARG B 368 17.91 -10.22 7.00
N LEU B 369 16.89 -11.03 6.80
CA LEU B 369 16.94 -12.10 5.80
C LEU B 369 15.53 -12.31 5.28
N TYR B 370 15.34 -12.06 3.98
CA TYR B 370 14.04 -12.20 3.34
C TYR B 370 14.12 -13.30 2.28
N LEU B 371 13.21 -14.26 2.37
CA LEU B 371 13.15 -15.35 1.40
C LEU B 371 11.71 -15.66 1.04
N GLN B 372 10.91 -14.61 0.83
CA GLN B 372 9.51 -14.81 0.48
C GLN B 372 9.37 -15.37 -0.92
N LYS B 373 8.32 -16.17 -1.13
CA LYS B 373 7.84 -16.58 -2.44
C LYS B 373 8.95 -17.25 -3.27
N ASN B 374 9.38 -18.42 -2.78
CA ASN B 374 10.38 -19.23 -3.45
C ASN B 374 9.82 -20.64 -3.66
N VAL B 375 10.69 -21.54 -4.12
CA VAL B 375 10.29 -22.92 -4.40
C VAL B 375 11.08 -23.77 -3.42
N LEU B 376 11.30 -23.24 -2.23
CA LEU B 376 12.09 -23.92 -1.21
C LEU B 376 11.35 -25.15 -0.72
N ASN B 377 11.80 -26.33 -1.15
CA ASN B 377 11.27 -27.61 -0.67
C ASN B 377 12.37 -28.27 0.15
N GLY B 378 12.42 -27.93 1.43
CA GLY B 378 13.46 -28.44 2.29
C GLY B 378 13.12 -28.23 3.75
N PHE B 379 14.17 -28.23 4.57
CA PHE B 379 14.03 -28.12 6.01
C PHE B 379 14.56 -26.78 6.49
N PHE B 380 14.30 -26.51 7.78
CA PHE B 380 14.81 -25.33 8.48
C PHE B 380 15.48 -25.85 9.74
N MET B 381 16.75 -26.21 9.62
CA MET B 381 17.47 -26.88 10.69
C MET B 381 18.75 -26.11 11.02
N GLU B 382 19.24 -26.31 12.24
CA GLU B 382 20.46 -25.67 12.71
C GLU B 382 21.62 -26.65 12.89
N ARG B 383 21.33 -27.85 13.39
CA ARG B 383 22.27 -28.97 13.53
C ARG B 383 23.58 -28.58 14.21
N PHE B 384 23.59 -27.44 14.91
CA PHE B 384 24.67 -27.03 15.80
C PHE B 384 24.23 -25.76 16.52
N GLY B 385 24.70 -25.61 17.75
CA GLY B 385 24.21 -24.55 18.62
C GLY B 385 25.04 -23.29 18.68
N GLN B 386 24.60 -22.25 17.97
CA GLN B 386 25.21 -20.93 18.05
C GLN B 386 24.11 -19.88 17.89
N VAL B 387 24.25 -18.78 18.64
CA VAL B 387 23.22 -17.75 18.66
C VAL B 387 23.25 -16.96 17.36
N SER B 388 22.16 -16.24 17.11
CA SER B 388 22.01 -15.45 15.89
C SER B 388 21.62 -14.03 16.24
N SER B 389 21.99 -13.10 15.36
CA SER B 389 21.64 -11.70 15.52
C SER B 389 20.50 -11.27 14.59
N LEU B 390 19.83 -12.23 13.94
CA LEU B 390 18.72 -11.90 13.06
C LEU B 390 17.61 -11.19 13.83
N GLU B 391 17.15 -10.06 13.27
CA GLU B 391 16.03 -9.35 13.83
C GLU B 391 14.79 -9.42 12.95
N TYR B 392 14.94 -9.71 11.67
CA TYR B 392 13.81 -9.81 10.74
C TYR B 392 14.01 -11.05 9.89
N LEU B 393 13.02 -11.94 9.89
CA LEU B 393 13.07 -13.17 9.12
C LEU B 393 11.68 -13.48 8.59
N ASP B 394 11.60 -13.90 7.33
CA ASP B 394 10.33 -14.26 6.72
C ASP B 394 10.60 -15.35 5.70
N LEU B 395 9.90 -16.48 5.83
CA LEU B 395 10.05 -17.62 4.95
C LEU B 395 8.70 -18.06 4.38
N SER B 396 7.79 -17.11 4.20
CA SER B 396 6.43 -17.44 3.78
C SER B 396 6.39 -17.78 2.30
N ASP B 397 5.27 -18.41 1.90
CA ASP B 397 5.01 -18.79 0.52
C ASP B 397 6.12 -19.69 -0.03
N ASN B 398 6.29 -20.83 0.64
CA ASN B 398 7.28 -21.82 0.24
C ASN B 398 6.67 -23.20 0.43
N GLN B 399 7.50 -24.23 0.37
CA GLN B 399 7.06 -25.61 0.57
C GLN B 399 8.00 -26.31 1.55
N MET B 400 8.31 -25.62 2.64
CA MET B 400 9.25 -26.14 3.62
C MET B 400 8.57 -27.15 4.54
N ARG B 401 9.32 -28.18 4.93
CA ARG B 401 8.81 -29.29 5.71
C ARG B 401 9.55 -29.37 7.05
N GLY B 402 9.27 -30.43 7.80
CA GLY B 402 9.96 -30.70 9.03
C GLY B 402 9.49 -29.84 10.19
N PRO B 403 10.17 -29.94 11.33
CA PRO B 403 9.81 -29.14 12.49
C PRO B 403 10.60 -27.84 12.56
N LEU B 404 10.10 -26.93 13.40
CA LEU B 404 10.79 -25.68 13.64
C LEU B 404 12.07 -25.93 14.45
N PRO B 405 13.08 -25.07 14.27
CA PRO B 405 14.30 -25.20 15.06
C PRO B 405 14.12 -24.54 16.42
N ASP B 406 15.14 -24.68 17.26
CA ASP B 406 15.12 -24.11 18.60
C ASP B 406 15.13 -22.60 18.49
N LEU B 407 13.98 -21.98 18.69
CA LEU B 407 13.85 -20.54 18.49
C LEU B 407 14.56 -19.73 19.56
N ALA B 408 15.04 -20.36 20.63
CA ALA B 408 15.89 -19.67 21.60
C ALA B 408 17.25 -19.31 21.03
N LEU B 409 17.60 -19.86 19.86
CA LEU B 409 18.83 -19.52 19.17
C LEU B 409 18.72 -18.22 18.39
N PHE B 410 17.56 -17.56 18.44
CA PHE B 410 17.34 -16.29 17.74
C PHE B 410 16.78 -15.29 18.74
N PRO B 411 17.58 -14.88 19.73
CA PRO B 411 17.04 -14.08 20.83
C PRO B 411 16.58 -12.68 20.43
N SER B 412 17.05 -12.15 19.29
CA SER B 412 16.81 -10.75 18.95
C SER B 412 15.82 -10.58 17.80
N LEU B 413 14.98 -11.58 17.54
CA LEU B 413 13.98 -11.45 16.49
C LEU B 413 12.99 -10.35 16.83
N ARG B 414 12.55 -9.63 15.80
CA ARG B 414 11.48 -8.65 15.93
C ARG B 414 10.26 -8.97 15.07
N GLU B 415 10.44 -9.63 13.93
CA GLU B 415 9.35 -10.15 13.13
C GLU B 415 9.69 -11.57 12.70
N LEU B 416 8.64 -12.37 12.48
CA LEU B 416 8.83 -13.79 12.17
C LEU B 416 7.59 -14.26 11.39
N HIS B 417 7.74 -14.42 10.08
CA HIS B 417 6.65 -14.87 9.22
C HIS B 417 7.02 -16.22 8.63
N LEU B 418 6.18 -17.23 8.86
CA LEU B 418 6.41 -18.58 8.35
C LEU B 418 5.13 -19.16 7.75
N GLY B 419 4.28 -18.31 7.20
CA GLY B 419 3.01 -18.77 6.68
C GLY B 419 3.13 -19.55 5.38
N SER B 420 2.05 -20.24 5.05
CA SER B 420 1.89 -20.96 3.79
C SER B 420 2.92 -22.07 3.60
N ASN B 421 3.61 -22.47 4.66
CA ASN B 421 4.56 -23.57 4.58
C ASN B 421 3.89 -24.86 5.03
N HIS B 422 4.64 -25.96 5.03
CA HIS B 422 4.16 -27.26 5.48
C HIS B 422 4.85 -27.70 6.76
N PHE B 423 5.19 -26.73 7.62
CA PHE B 423 5.86 -27.05 8.88
C PHE B 423 4.96 -27.89 9.77
N ASN B 424 5.57 -28.83 10.49
CA ASN B 424 4.87 -29.67 11.44
C ASN B 424 5.55 -29.57 12.79
N GLY B 425 5.04 -30.31 13.76
CA GLY B 425 5.59 -30.29 15.10
C GLY B 425 5.10 -29.11 15.91
N ARG B 426 5.25 -29.23 17.23
CA ARG B 426 4.84 -28.17 18.13
C ARG B 426 5.81 -26.99 18.06
N ILE B 427 5.31 -25.83 18.44
CA ILE B 427 6.18 -24.65 18.55
C ILE B 427 7.16 -24.85 19.70
N PRO B 428 8.46 -24.69 19.49
CA PRO B 428 9.43 -24.98 20.55
C PRO B 428 9.23 -24.10 21.78
N GLN B 429 9.59 -24.67 22.93
CA GLN B 429 9.40 -23.99 24.21
C GLN B 429 10.27 -22.75 24.37
N GLY B 430 11.28 -22.57 23.51
CA GLY B 430 12.11 -21.39 23.58
C GLY B 430 11.51 -20.13 23.00
N ILE B 431 10.31 -20.24 22.42
CA ILE B 431 9.66 -19.08 21.81
C ILE B 431 9.45 -17.96 22.81
N GLY B 432 9.34 -18.30 24.09
CA GLY B 432 9.15 -17.31 25.12
C GLY B 432 10.39 -16.56 25.54
N LYS B 433 11.56 -16.90 24.99
CA LYS B 433 12.79 -16.24 25.34
C LYS B 433 13.15 -15.10 24.40
N LEU B 434 12.31 -14.81 23.40
CA LEU B 434 12.62 -13.76 22.44
C LEU B 434 12.62 -12.38 23.11
N SER B 435 11.54 -12.07 23.83
CA SER B 435 11.42 -10.85 24.63
C SER B 435 11.42 -9.59 23.78
N GLN B 436 11.49 -9.73 22.45
CA GLN B 436 11.45 -8.59 21.55
C GLN B 436 10.55 -8.81 20.33
N LEU B 437 9.94 -9.98 20.20
CA LEU B 437 9.11 -10.26 19.04
C LEU B 437 7.90 -9.33 19.00
N LYS B 438 7.54 -8.89 17.80
CA LYS B 438 6.36 -8.07 17.59
C LYS B 438 5.32 -8.73 16.70
N ILE B 439 5.73 -9.51 15.71
CA ILE B 439 4.82 -10.19 14.79
C ILE B 439 5.23 -11.65 14.69
N LEU B 440 4.26 -12.55 14.83
CA LEU B 440 4.49 -13.98 14.63
C LEU B 440 3.33 -14.53 13.80
N ASP B 441 3.65 -14.99 12.59
CA ASP B 441 2.65 -15.50 11.66
C ASP B 441 3.04 -16.93 11.29
N VAL B 442 2.21 -17.89 11.71
CA VAL B 442 2.46 -19.29 11.41
C VAL B 442 1.23 -19.91 10.78
N SER B 443 0.46 -19.09 10.06
CA SER B 443 -0.78 -19.56 9.46
C SER B 443 -0.51 -20.52 8.31
N SER B 444 -1.51 -21.34 8.00
CA SER B 444 -1.47 -22.29 6.89
C SER B 444 -0.32 -23.28 7.02
N ASN B 445 -0.01 -23.65 8.27
CA ASN B 445 0.99 -24.68 8.56
C ASN B 445 0.31 -25.88 9.19
N ARG B 446 1.01 -27.01 9.20
CA ARG B 446 0.51 -28.19 9.88
C ARG B 446 1.06 -28.27 11.30
N LEU B 447 0.94 -27.20 12.07
CA LEU B 447 1.43 -27.18 13.43
C LEU B 447 0.46 -27.87 14.36
N GLU B 448 0.98 -28.61 15.34
CA GLU B 448 0.16 -29.47 16.18
C GLU B 448 -0.19 -28.88 17.54
N GLY B 449 0.67 -28.06 18.14
CA GLY B 449 0.41 -27.57 19.47
C GLY B 449 1.03 -26.21 19.72
N LEU B 450 0.70 -25.65 20.89
CA LEU B 450 1.20 -24.36 21.33
C LEU B 450 1.82 -24.50 22.71
N PRO B 451 2.95 -23.84 22.96
CA PRO B 451 3.62 -23.96 24.25
C PRO B 451 3.11 -22.98 25.29
N GLU B 452 3.45 -23.25 26.54
CA GLU B 452 3.05 -22.40 27.66
C GLU B 452 3.89 -21.14 27.78
N SER B 453 5.07 -21.11 27.16
CA SER B 453 5.93 -19.94 27.23
C SER B 453 5.41 -18.77 26.40
N MET B 454 4.37 -18.99 25.58
CA MET B 454 3.86 -17.94 24.71
C MET B 454 3.46 -16.71 25.50
N GLY B 455 3.05 -16.88 26.75
CA GLY B 455 2.67 -15.74 27.58
C GLY B 455 3.81 -14.78 27.88
N GLN B 456 5.04 -15.28 27.98
CA GLN B 456 6.16 -14.46 28.43
C GLN B 456 6.75 -13.57 27.34
N LEU B 457 6.05 -13.40 26.21
CA LEU B 457 6.60 -12.58 25.14
C LEU B 457 6.64 -11.10 25.53
N SER B 458 5.53 -10.59 26.07
CA SER B 458 5.40 -9.27 26.68
C SER B 458 5.54 -8.12 25.70
N ASN B 459 5.85 -8.37 24.42
CA ASN B 459 5.90 -7.32 23.43
C ASN B 459 5.26 -7.74 22.10
N LEU B 460 4.59 -8.88 22.06
CA LEU B 460 3.94 -9.31 20.83
C LEU B 460 2.75 -8.40 20.54
N GLU B 461 2.68 -7.90 19.31
CA GLU B 461 1.58 -7.07 18.86
C GLU B 461 0.61 -7.80 17.96
N SER B 462 0.96 -9.00 17.50
CA SER B 462 0.10 -9.77 16.61
C SER B 462 0.49 -11.23 16.68
N PHE B 463 -0.52 -12.11 16.69
CA PHE B 463 -0.31 -13.55 16.70
C PHE B 463 -1.34 -14.18 15.79
N ASP B 464 -0.88 -14.89 14.77
CA ASP B 464 -1.75 -15.52 13.78
C ASP B 464 -1.30 -16.96 13.62
N ALA B 465 -2.15 -17.90 14.02
CA ALA B 465 -1.90 -19.34 13.91
C ALA B 465 -3.12 -20.03 13.33
N SER B 466 -3.70 -19.44 12.29
CA SER B 466 -4.92 -19.96 11.70
C SER B 466 -4.61 -21.11 10.75
N TYR B 467 -5.64 -21.93 10.51
CA TYR B 467 -5.60 -23.01 9.52
C TYR B 467 -4.49 -24.01 9.81
N ASN B 468 -4.24 -24.27 11.09
CA ASN B 468 -3.37 -25.33 11.54
C ASN B 468 -4.18 -26.37 12.30
N VAL B 469 -3.64 -27.59 12.36
CA VAL B 469 -4.29 -28.66 13.15
C VAL B 469 -3.71 -28.54 14.56
N LEU B 470 -4.27 -27.61 15.32
CA LEU B 470 -3.82 -27.34 16.68
C LEU B 470 -4.77 -28.00 17.67
N LYS B 471 -4.21 -28.81 18.56
CA LYS B 471 -4.98 -29.56 19.54
C LYS B 471 -4.63 -29.08 20.94
N GLY B 472 -5.40 -29.57 21.91
CA GLY B 472 -5.21 -29.20 23.29
C GLY B 472 -6.04 -28.01 23.69
N THR B 473 -5.87 -27.60 24.94
CA THR B 473 -6.58 -26.48 25.52
C THR B 473 -5.61 -25.39 25.90
N ILE B 474 -6.01 -24.14 25.68
CA ILE B 474 -5.22 -22.97 26.05
C ILE B 474 -5.82 -22.40 27.33
N THR B 475 -5.07 -22.46 28.41
CA THR B 475 -5.49 -21.85 29.67
C THR B 475 -5.02 -20.39 29.70
N GLU B 476 -5.14 -19.76 30.86
CA GLU B 476 -4.63 -18.40 31.01
C GLU B 476 -3.11 -18.35 31.01
N SER B 477 -2.45 -19.49 31.24
CA SER B 477 -0.99 -19.52 31.27
C SER B 477 -0.40 -19.09 29.93
N HIS B 478 -1.02 -19.52 28.83
CA HIS B 478 -0.56 -19.11 27.51
C HIS B 478 -0.78 -17.61 27.25
N LEU B 479 -1.65 -16.97 28.03
CA LEU B 479 -2.01 -15.57 27.81
C LEU B 479 -1.73 -14.73 29.05
N SER B 480 -0.74 -15.12 29.84
CA SER B 480 -0.57 -14.53 31.17
C SER B 480 0.03 -13.14 31.13
N ASN B 481 0.90 -12.84 30.17
CA ASN B 481 1.72 -11.64 30.26
C ASN B 481 1.80 -10.89 28.93
N LEU B 482 0.87 -11.14 28.01
CA LEU B 482 0.83 -10.44 26.73
C LEU B 482 0.15 -9.10 26.95
N SER B 483 0.94 -8.11 27.37
CA SER B 483 0.44 -6.78 27.69
C SER B 483 0.40 -5.86 26.48
N SER B 484 0.71 -6.35 25.28
CA SER B 484 0.68 -5.53 24.08
C SER B 484 0.04 -6.25 22.91
N LEU B 485 -0.67 -7.35 23.17
CA LEU B 485 -1.33 -8.09 22.09
C LEU B 485 -2.49 -7.28 21.54
N VAL B 486 -2.58 -7.21 20.21
CA VAL B 486 -3.62 -6.45 19.54
C VAL B 486 -4.35 -7.37 18.58
N ASP B 487 -3.66 -8.38 18.07
CA ASP B 487 -4.20 -9.29 17.08
C ASP B 487 -4.15 -10.71 17.63
N LEU B 488 -5.29 -11.40 17.58
CA LEU B 488 -5.39 -12.80 18.00
C LEU B 488 -6.13 -13.57 16.92
N ASP B 489 -5.42 -14.44 16.22
CA ASP B 489 -6.01 -15.18 15.08
C ASP B 489 -5.67 -16.65 15.26
N LEU B 490 -6.62 -17.42 15.80
CA LEU B 490 -6.47 -18.86 15.92
C LEU B 490 -7.60 -19.54 15.16
N SER B 491 -7.86 -19.07 13.94
CA SER B 491 -9.02 -19.51 13.18
C SER B 491 -8.88 -20.96 12.74
N PHE B 492 -9.99 -21.70 12.86
CA PHE B 492 -10.16 -23.02 12.25
C PHE B 492 -9.08 -24.01 12.72
N ASN B 493 -9.10 -24.31 14.00
CA ASN B 493 -8.29 -25.36 14.59
C ASN B 493 -9.17 -26.24 15.47
N SER B 494 -8.59 -27.32 15.99
CA SER B 494 -9.24 -28.13 17.01
C SER B 494 -8.96 -27.63 18.42
N LEU B 495 -8.66 -26.35 18.56
CA LEU B 495 -8.15 -25.76 19.78
C LEU B 495 -9.29 -25.49 20.77
N ALA B 496 -8.90 -25.25 22.02
CA ALA B 496 -9.83 -24.90 23.08
C ALA B 496 -9.23 -23.74 23.87
N LEU B 497 -10.11 -22.94 24.48
CA LEU B 497 -9.69 -21.72 25.17
C LEU B 497 -10.54 -21.59 26.44
N LYS B 498 -10.01 -22.09 27.56
CA LYS B 498 -10.69 -22.03 28.85
C LYS B 498 -9.84 -21.20 29.81
N THR B 499 -10.38 -20.09 30.26
CA THR B 499 -9.70 -19.21 31.21
C THR B 499 -10.45 -19.21 32.54
N SER B 500 -9.69 -19.21 33.63
CA SER B 500 -10.30 -19.26 34.95
C SER B 500 -11.06 -17.97 35.25
N ILE B 501 -12.09 -18.10 36.09
CA ILE B 501 -12.87 -16.95 36.49
C ILE B 501 -12.02 -16.04 37.39
N ASP B 502 -12.43 -14.76 37.45
CA ASP B 502 -11.71 -13.74 38.20
C ASP B 502 -10.30 -13.51 37.65
N TRP B 503 -10.15 -13.61 36.34
CA TRP B 503 -8.90 -13.32 35.66
C TRP B 503 -9.00 -11.95 35.00
N LEU B 504 -8.02 -11.10 35.27
CA LEU B 504 -8.00 -9.76 34.69
C LEU B 504 -7.04 -9.77 33.50
N PRO B 505 -7.54 -9.72 32.27
CA PRO B 505 -6.66 -9.77 31.10
C PRO B 505 -5.74 -8.55 31.06
N PRO B 506 -4.51 -8.73 30.59
CA PRO B 506 -3.58 -7.60 30.46
C PRO B 506 -3.56 -6.92 29.10
N PHE B 507 -4.46 -7.29 28.19
CA PHE B 507 -4.48 -6.75 26.84
C PHE B 507 -5.85 -6.21 26.51
N GLN B 508 -5.89 -5.25 25.59
CA GLN B 508 -7.12 -4.70 25.02
C GLN B 508 -7.10 -5.03 23.54
N LEU B 509 -7.69 -6.17 23.18
CA LEU B 509 -7.69 -6.61 21.80
C LEU B 509 -8.46 -5.62 20.93
N GLN B 510 -7.97 -5.40 19.71
CA GLN B 510 -8.70 -4.65 18.71
C GLN B 510 -9.31 -5.52 17.61
N VAL B 511 -8.74 -6.69 17.36
CA VAL B 511 -9.37 -7.68 16.50
C VAL B 511 -9.39 -9.01 17.26
N ILE B 512 -10.56 -9.64 17.29
CA ILE B 512 -10.73 -10.94 17.95
C ILE B 512 -11.23 -11.90 16.89
N ASN B 513 -10.38 -12.85 16.50
CA ASN B 513 -10.68 -13.80 15.44
C ASN B 513 -10.47 -15.21 16.01
N LEU B 514 -11.52 -15.76 16.59
CA LEU B 514 -11.48 -17.11 17.17
C LEU B 514 -12.67 -17.93 16.68
N PRO B 515 -12.70 -18.27 15.40
CA PRO B 515 -13.74 -19.19 14.91
C PRO B 515 -13.32 -20.65 15.06
N SER B 516 -14.32 -21.50 15.21
CA SER B 516 -14.13 -22.95 15.36
C SER B 516 -13.20 -23.27 16.53
N CYS B 517 -13.28 -22.47 17.58
CA CYS B 517 -12.53 -22.68 18.81
C CYS B 517 -13.51 -22.87 19.96
N ASN B 518 -13.28 -23.90 20.77
CA ASN B 518 -14.17 -24.19 21.89
C ASN B 518 -13.95 -23.18 23.01
N LEU B 519 -14.76 -22.13 23.02
CA LEU B 519 -14.63 -21.07 24.02
C LEU B 519 -15.33 -21.39 25.33
N GLY B 520 -16.01 -22.54 25.42
CA GLY B 520 -16.58 -22.98 26.67
C GLY B 520 -18.09 -23.12 26.60
N PRO B 521 -18.66 -23.85 27.56
CA PRO B 521 -20.13 -23.96 27.63
C PRO B 521 -20.82 -22.63 27.86
N SER B 522 -20.21 -21.73 28.61
CA SER B 522 -20.78 -20.43 28.91
C SER B 522 -20.18 -19.36 28.01
N PHE B 523 -20.84 -18.21 27.99
CA PHE B 523 -20.31 -17.05 27.27
C PHE B 523 -18.97 -16.65 27.88
N PRO B 524 -17.96 -16.37 27.05
CA PRO B 524 -16.65 -16.01 27.61
C PRO B 524 -16.73 -14.78 28.50
N LYS B 525 -16.06 -14.86 29.65
CA LYS B 525 -16.14 -13.80 30.64
C LYS B 525 -14.99 -12.81 30.56
N TRP B 526 -13.91 -13.16 29.86
CA TRP B 526 -12.82 -12.21 29.65
C TRP B 526 -13.21 -11.10 28.68
N LEU B 527 -14.36 -11.22 28.01
CA LEU B 527 -14.83 -10.17 27.11
C LEU B 527 -15.31 -8.93 27.86
N GLN B 528 -15.64 -9.08 29.15
CA GLN B 528 -16.18 -7.94 29.91
C GLN B 528 -15.17 -6.80 30.00
N SER B 529 -13.91 -7.13 30.25
CA SER B 529 -12.86 -6.12 30.37
C SER B 529 -12.28 -5.72 29.02
N GLN B 530 -12.74 -6.33 27.93
CA GLN B 530 -12.22 -6.03 26.60
C GLN B 530 -13.04 -4.89 26.00
N ASN B 531 -12.40 -3.76 25.76
CA ASN B 531 -13.00 -2.63 25.08
C ASN B 531 -12.25 -2.34 23.79
N ASN B 532 -12.82 -1.47 22.96
CA ASN B 532 -12.12 -0.84 21.85
C ASN B 532 -11.62 -1.90 20.86
N TYR B 533 -12.47 -2.88 20.57
CA TYR B 533 -12.15 -3.92 19.60
C TYR B 533 -13.00 -3.73 18.35
N THR B 534 -12.37 -3.84 17.18
CA THR B 534 -12.97 -3.50 15.90
C THR B 534 -13.78 -4.64 15.31
N VAL B 535 -13.29 -5.87 15.39
CA VAL B 535 -14.01 -7.03 14.88
C VAL B 535 -14.11 -8.07 15.99
N LEU B 536 -15.07 -8.98 15.82
CA LEU B 536 -15.31 -10.03 16.80
C LEU B 536 -15.88 -11.23 16.07
N ASP B 537 -15.06 -12.28 15.91
CA ASP B 537 -15.47 -13.51 15.23
C ASP B 537 -15.25 -14.67 16.20
N ILE B 538 -16.30 -14.99 16.97
CA ILE B 538 -16.24 -16.09 17.92
C ILE B 538 -17.26 -17.14 17.49
N SER B 539 -17.51 -17.22 16.19
CA SER B 539 -18.47 -18.18 15.66
C SER B 539 -17.91 -19.60 15.74
N LEU B 540 -18.82 -20.57 15.56
CA LEU B 540 -18.52 -22.00 15.64
C LEU B 540 -17.91 -22.39 16.99
N ALA B 541 -18.11 -21.58 18.02
CA ALA B 541 -17.78 -21.97 19.37
C ALA B 541 -18.87 -22.90 19.91
N ASN B 542 -18.75 -23.30 21.16
CA ASN B 542 -19.73 -24.16 21.80
C ASN B 542 -20.42 -23.43 22.95
N ILE B 543 -20.76 -22.17 22.73
CA ILE B 543 -21.42 -21.38 23.76
C ILE B 543 -22.88 -21.83 23.86
N SER B 544 -23.29 -22.24 25.05
CA SER B 544 -24.65 -22.69 25.31
C SER B 544 -25.25 -21.92 26.48
N ASP B 545 -25.03 -20.61 26.52
CA ASP B 545 -25.52 -19.76 27.59
C ASP B 545 -26.22 -18.55 27.00
N ALA B 546 -27.19 -18.03 27.74
CA ALA B 546 -27.91 -16.84 27.31
C ALA B 546 -26.98 -15.63 27.31
N LEU B 547 -27.37 -14.61 26.56
CA LEU B 547 -26.56 -13.41 26.46
C LEU B 547 -26.43 -12.75 27.82
N PRO B 548 -25.22 -12.53 28.32
CA PRO B 548 -25.07 -11.94 29.66
C PRO B 548 -25.51 -10.49 29.70
N SER B 549 -25.89 -10.07 30.90
CA SER B 549 -26.32 -8.68 31.10
C SER B 549 -25.19 -7.70 30.82
N TRP B 550 -23.98 -8.03 31.27
CA TRP B 550 -22.84 -7.12 31.09
C TRP B 550 -22.49 -6.92 29.61
N PHE B 551 -22.86 -7.85 28.74
CA PHE B 551 -22.64 -7.69 27.31
C PHE B 551 -23.82 -6.94 26.68
N SER B 552 -23.99 -5.70 27.12
CA SER B 552 -25.10 -4.86 26.68
C SER B 552 -24.71 -3.88 25.60
N GLY B 553 -23.45 -3.46 25.54
CA GLY B 553 -23.03 -2.49 24.56
C GLY B 553 -21.71 -2.80 23.89
N LEU B 554 -21.72 -2.89 22.57
CA LEU B 554 -20.50 -3.08 21.81
C LEU B 554 -19.68 -1.79 21.80
N PRO B 555 -18.38 -1.89 21.50
CA PRO B 555 -17.57 -0.68 21.37
C PRO B 555 -18.10 0.17 20.23
N PRO B 556 -17.92 1.50 20.32
CA PRO B 556 -18.49 2.39 19.29
C PRO B 556 -17.98 2.12 17.89
N ASP B 557 -16.72 1.72 17.73
CA ASP B 557 -16.12 1.55 16.42
C ASP B 557 -16.14 0.09 15.94
N ILE B 558 -17.16 -0.67 16.32
CA ILE B 558 -17.22 -2.08 15.93
C ILE B 558 -17.48 -2.19 14.44
N LYS B 559 -16.85 -3.16 13.81
CA LYS B 559 -16.89 -3.34 12.36
C LYS B 559 -17.52 -4.66 11.94
N ILE B 560 -17.06 -5.78 12.48
CA ILE B 560 -17.53 -7.11 12.11
C ILE B 560 -18.00 -7.82 13.38
N LEU B 561 -19.19 -8.40 13.32
CA LEU B 561 -19.76 -9.15 14.44
C LEU B 561 -20.33 -10.45 13.90
N ASN B 562 -19.65 -11.57 14.19
CA ASN B 562 -20.03 -12.88 13.67
C ASN B 562 -20.18 -13.82 14.86
N LEU B 563 -21.41 -14.28 15.11
CA LEU B 563 -21.71 -15.24 16.16
C LEU B 563 -22.47 -16.44 15.60
N SER B 564 -22.12 -16.86 14.39
CA SER B 564 -22.87 -17.90 13.70
C SER B 564 -22.58 -19.26 14.29
N ASN B 565 -23.57 -20.16 14.17
CA ASN B 565 -23.45 -21.56 14.56
C ASN B 565 -23.06 -21.72 16.04
N ASN B 566 -23.82 -21.07 16.90
CA ASN B 566 -23.71 -21.21 18.34
C ASN B 566 -25.07 -21.57 18.92
N GLN B 567 -25.16 -21.57 20.24
CA GLN B 567 -26.41 -21.82 20.94
C GLN B 567 -26.74 -20.68 21.90
N ILE B 568 -26.46 -19.45 21.47
CA ILE B 568 -26.73 -18.27 22.28
C ILE B 568 -28.20 -17.92 22.18
N SER B 569 -28.78 -17.50 23.31
CA SER B 569 -30.20 -17.18 23.39
C SER B 569 -30.38 -15.85 24.09
N GLY B 570 -31.50 -15.20 23.82
CA GLY B 570 -31.85 -13.94 24.43
C GLY B 570 -32.44 -13.00 23.41
N ARG B 571 -32.46 -11.72 23.76
CA ARG B 571 -32.99 -10.66 22.91
C ARG B 571 -31.86 -9.74 22.49
N VAL B 572 -31.71 -9.54 21.18
CA VAL B 572 -30.66 -8.68 20.65
C VAL B 572 -31.18 -7.31 20.25
N SER B 573 -32.45 -7.01 20.53
CA SER B 573 -32.98 -5.69 20.20
C SER B 573 -32.32 -4.57 20.98
N ASP B 574 -31.68 -4.89 22.10
CA ASP B 574 -30.99 -3.91 22.93
C ASP B 574 -29.48 -4.03 22.84
N LEU B 575 -28.96 -4.69 21.81
CA LEU B 575 -27.54 -4.92 21.66
C LEU B 575 -26.91 -4.15 20.51
N ILE B 576 -27.64 -3.93 19.43
CA ILE B 576 -27.16 -3.15 18.28
C ILE B 576 -27.69 -1.74 18.43
N GLU B 577 -26.79 -0.76 18.40
CA GLU B 577 -27.14 0.63 18.64
C GLU B 577 -26.71 1.54 17.50
N ASN B 578 -26.64 0.99 16.29
CA ASN B 578 -26.38 1.77 15.06
C ASN B 578 -25.04 2.52 15.15
N ALA B 579 -23.96 1.75 15.22
CA ALA B 579 -22.64 2.34 15.12
C ALA B 579 -22.34 2.74 13.69
N TYR B 580 -21.36 3.62 13.53
CA TYR B 580 -21.04 4.19 12.22
C TYR B 580 -19.99 3.38 11.46
N ASP B 581 -19.58 2.22 11.99
CA ASP B 581 -18.57 1.39 11.32
C ASP B 581 -19.04 -0.01 11.03
N TYR B 582 -20.32 -0.32 11.25
CA TYR B 582 -20.82 -1.67 11.01
C TYR B 582 -20.71 -2.02 9.53
N MET B 583 -20.19 -3.20 9.26
CA MET B 583 -20.18 -3.73 7.90
C MET B 583 -20.74 -5.14 7.80
N VAL B 584 -20.48 -5.98 8.79
CA VAL B 584 -20.94 -7.37 8.77
C VAL B 584 -21.56 -7.70 10.12
N ILE B 585 -22.80 -8.19 10.10
CA ILE B 585 -23.47 -8.71 11.28
C ILE B 585 -23.97 -10.11 10.93
N ASP B 586 -23.52 -11.11 11.67
CA ASP B 586 -23.89 -12.50 11.42
C ASP B 586 -24.26 -13.14 12.76
N LEU B 587 -25.55 -13.14 13.08
CA LEU B 587 -26.08 -13.80 14.27
C LEU B 587 -26.92 -15.01 13.92
N SER B 588 -26.59 -15.67 12.80
CA SER B 588 -27.37 -16.80 12.32
C SER B 588 -27.06 -18.06 13.11
N SER B 589 -27.96 -19.03 13.01
CA SER B 589 -27.82 -20.34 13.64
C SER B 589 -27.60 -20.21 15.15
N ASN B 590 -28.62 -19.66 15.82
CA ASN B 590 -28.60 -19.48 17.26
C ASN B 590 -30.02 -19.67 17.77
N ASN B 591 -30.26 -19.26 19.02
CA ASN B 591 -31.57 -19.33 19.65
C ASN B 591 -32.09 -17.95 20.02
N PHE B 592 -31.77 -16.94 19.22
CA PHE B 592 -32.22 -15.59 19.48
C PHE B 592 -33.72 -15.47 19.30
N SER B 593 -34.32 -14.52 20.01
CA SER B 593 -35.75 -14.27 19.92
C SER B 593 -36.03 -12.82 20.27
N GLY B 594 -37.20 -12.35 19.86
CA GLY B 594 -37.62 -11.00 20.14
C GLY B 594 -37.81 -10.18 18.88
N PRO B 595 -37.99 -8.87 19.04
CA PRO B 595 -38.15 -8.01 17.87
C PRO B 595 -36.88 -7.93 17.04
N LEU B 596 -37.06 -7.61 15.76
CA LEU B 596 -35.94 -7.54 14.85
C LEU B 596 -35.01 -6.41 15.28
N PRO B 597 -33.70 -6.64 15.38
CA PRO B 597 -32.79 -5.59 15.82
C PRO B 597 -32.69 -4.46 14.81
N LEU B 598 -32.35 -3.27 15.32
CA LEU B 598 -32.19 -2.11 14.46
C LEU B 598 -31.05 -2.35 13.47
N VAL B 599 -31.32 -2.04 12.20
CA VAL B 599 -30.35 -2.26 11.13
C VAL B 599 -29.43 -1.06 11.06
N PRO B 600 -28.10 -1.25 11.10
CA PRO B 600 -27.19 -0.10 11.06
C PRO B 600 -27.27 0.64 9.73
N THR B 601 -26.99 1.94 9.79
CA THR B 601 -27.10 2.79 8.61
C THR B 601 -26.03 2.48 7.56
N ASN B 602 -24.95 1.81 7.93
CA ASN B 602 -23.87 1.50 7.01
C ASN B 602 -23.55 0.01 6.93
N VAL B 603 -24.41 -0.85 7.50
CA VAL B 603 -24.18 -2.28 7.42
C VAL B 603 -24.33 -2.75 5.99
N GLN B 604 -23.63 -3.83 5.64
CA GLN B 604 -23.68 -4.38 4.30
C GLN B 604 -24.20 -5.82 4.28
N ILE B 605 -23.70 -6.68 5.16
CA ILE B 605 -24.18 -8.04 5.30
C ILE B 605 -24.95 -8.14 6.61
N PHE B 606 -26.18 -8.65 6.53
CA PHE B 606 -27.08 -8.74 7.68
C PHE B 606 -27.71 -10.14 7.68
N TYR B 607 -27.05 -11.10 8.31
CA TYR B 607 -27.47 -12.49 8.28
C TYR B 607 -28.10 -12.85 9.62
N LEU B 608 -29.36 -13.30 9.60
CA LEU B 608 -30.08 -13.66 10.81
C LEU B 608 -30.91 -14.92 10.61
N HIS B 609 -30.45 -15.86 9.79
CA HIS B 609 -31.28 -17.02 9.52
C HIS B 609 -31.08 -18.09 10.59
N LYS B 610 -32.06 -18.99 10.69
CA LYS B 610 -32.08 -20.06 11.69
C LYS B 610 -32.03 -19.50 13.11
N ASN B 611 -33.06 -18.76 13.46
CA ASN B 611 -33.24 -18.24 14.81
C ASN B 611 -34.71 -18.34 15.16
N GLN B 612 -35.12 -17.70 16.25
CA GLN B 612 -36.49 -17.74 16.74
C GLN B 612 -37.06 -16.34 16.90
N PHE B 613 -36.74 -15.44 15.97
CA PHE B 613 -37.33 -14.12 15.97
C PHE B 613 -38.80 -14.20 15.55
N PHE B 614 -39.54 -13.15 15.88
CA PHE B 614 -40.95 -13.08 15.53
C PHE B 614 -41.37 -11.63 15.43
N GLY B 615 -42.52 -11.41 14.80
CA GLY B 615 -43.10 -10.09 14.66
C GLY B 615 -42.97 -9.56 13.25
N SER B 616 -43.38 -8.30 13.09
CA SER B 616 -43.27 -7.63 11.81
C SER B 616 -41.91 -6.97 11.66
N ILE B 617 -41.51 -6.73 10.41
CA ILE B 617 -40.21 -6.15 10.11
C ILE B 617 -40.39 -4.71 9.64
N SER B 618 -41.44 -4.05 10.13
CA SER B 618 -41.73 -2.68 9.72
C SER B 618 -40.64 -1.70 10.11
N SER B 619 -39.75 -2.08 11.04
CA SER B 619 -38.68 -1.20 11.48
C SER B 619 -37.48 -1.20 10.53
N ILE B 620 -37.64 -1.69 9.31
CA ILE B 620 -36.55 -1.73 8.34
C ILE B 620 -36.69 -0.50 7.43
N CYS B 621 -37.50 0.46 7.86
CA CYS B 621 -37.84 1.62 7.05
C CYS B 621 -37.37 2.94 7.63
N LYS B 622 -37.37 3.07 8.96
CA LYS B 622 -37.20 4.37 9.60
C LYS B 622 -35.87 5.04 9.25
N SER B 623 -34.87 4.28 8.83
CA SER B 623 -33.58 4.83 8.45
C SER B 623 -33.13 4.24 7.12
N THR B 624 -32.39 5.04 6.37
CA THR B 624 -31.82 4.57 5.11
C THR B 624 -30.68 3.60 5.39
N THR B 625 -30.69 2.46 4.72
CA THR B 625 -29.72 1.40 4.95
C THR B 625 -29.01 1.05 3.65
N GLY B 626 -27.69 0.89 3.74
CA GLY B 626 -26.90 0.51 2.59
C GLY B 626 -26.56 -0.97 2.57
N ALA B 627 -27.49 -1.80 3.04
CA ALA B 627 -27.26 -3.23 3.06
C ALA B 627 -27.24 -3.81 1.65
N THR B 628 -26.32 -4.74 1.42
CA THR B 628 -26.24 -5.45 0.16
C THR B 628 -26.64 -6.92 0.26
N SER B 629 -26.82 -7.44 1.47
CA SER B 629 -27.15 -8.84 1.65
C SER B 629 -27.83 -9.00 3.01
N LEU B 630 -29.11 -9.33 3.01
CA LEU B 630 -29.83 -9.62 4.25
C LEU B 630 -30.56 -10.95 4.11
N ASP B 631 -30.52 -11.75 5.18
CA ASP B 631 -31.17 -13.05 5.21
C ASP B 631 -31.97 -13.16 6.50
N LEU B 632 -33.28 -13.37 6.37
CA LEU B 632 -34.18 -13.54 7.51
C LEU B 632 -34.93 -14.86 7.41
N SER B 633 -34.34 -15.85 6.75
CA SER B 633 -35.01 -17.11 6.50
C SER B 633 -34.98 -17.99 7.74
N HIS B 634 -35.96 -18.89 7.84
CA HIS B 634 -36.08 -19.85 8.94
C HIS B 634 -36.26 -19.14 10.28
N ASN B 635 -37.25 -18.26 10.34
CA ASN B 635 -37.69 -17.67 11.60
C ASN B 635 -39.21 -17.70 11.68
N GLN B 636 -39.78 -17.01 12.66
CA GLN B 636 -41.23 -16.93 12.84
C GLN B 636 -41.74 -15.51 12.65
N PHE B 637 -41.16 -14.78 11.71
CA PHE B 637 -41.64 -13.44 11.39
C PHE B 637 -43.02 -13.52 10.75
N SER B 638 -43.96 -12.73 11.26
CA SER B 638 -45.31 -12.65 10.71
C SER B 638 -45.62 -11.22 10.33
N GLY B 639 -46.83 -11.01 9.83
CA GLY B 639 -47.29 -9.69 9.46
C GLY B 639 -47.22 -9.43 7.98
N GLU B 640 -47.19 -8.14 7.63
CA GLU B 640 -47.18 -7.68 6.25
C GLU B 640 -45.85 -7.02 5.92
N LEU B 641 -45.37 -7.25 4.71
CA LEU B 641 -44.13 -6.62 4.28
C LEU B 641 -44.35 -5.12 4.11
N PRO B 642 -43.48 -4.29 4.69
CA PRO B 642 -43.68 -2.84 4.56
C PRO B 642 -43.44 -2.36 3.14
N ASP B 643 -44.16 -1.31 2.77
CA ASP B 643 -43.99 -0.66 1.47
C ASP B 643 -42.99 0.49 1.59
N CYS B 644 -41.76 0.13 1.94
CA CYS B 644 -40.72 1.11 2.22
C CYS B 644 -39.38 0.72 1.60
N TRP B 645 -39.37 -0.23 0.66
CA TRP B 645 -38.12 -0.76 0.15
C TRP B 645 -37.35 0.23 -0.71
N MET B 646 -37.97 1.37 -1.07
CA MET B 646 -37.24 2.39 -1.81
C MET B 646 -36.10 2.99 -1.00
N ASN B 647 -36.15 2.86 0.33
CA ASN B 647 -35.09 3.38 1.18
C ASN B 647 -33.85 2.50 1.18
N ALA B 648 -33.94 1.27 0.64
CA ALA B 648 -32.80 0.37 0.53
C ALA B 648 -32.73 -0.11 -0.92
N THR B 649 -32.08 0.68 -1.77
CA THR B 649 -31.87 0.32 -3.17
C THR B 649 -30.53 -0.37 -3.39
N ASN B 650 -29.78 -0.62 -2.33
CA ASN B 650 -28.48 -1.26 -2.40
C ASN B 650 -28.58 -2.79 -2.29
N LEU B 651 -29.79 -3.33 -2.19
CA LEU B 651 -29.96 -4.75 -1.96
C LEU B 651 -29.53 -5.56 -3.18
N ALA B 652 -28.88 -6.70 -2.92
CA ALA B 652 -28.52 -7.65 -3.97
C ALA B 652 -29.24 -8.97 -3.82
N VAL B 653 -29.19 -9.58 -2.63
CA VAL B 653 -29.90 -10.82 -2.35
C VAL B 653 -30.84 -10.56 -1.18
N LEU B 654 -32.10 -10.98 -1.32
CA LEU B 654 -33.12 -10.80 -0.31
C LEU B 654 -33.76 -12.14 -0.03
N ASN B 655 -33.74 -12.57 1.23
CA ASN B 655 -34.24 -13.88 1.63
C ASN B 655 -35.22 -13.72 2.78
N LEU B 656 -36.48 -14.07 2.52
CA LEU B 656 -37.54 -14.07 3.53
C LEU B 656 -38.27 -15.40 3.53
N ALA B 657 -37.56 -16.48 3.20
CA ALA B 657 -38.18 -17.78 3.02
C ALA B 657 -38.36 -18.49 4.36
N TYR B 658 -39.25 -19.48 4.35
CA TYR B 658 -39.54 -20.30 5.53
C TYR B 658 -39.94 -19.44 6.72
N ASN B 659 -40.73 -18.40 6.45
CA ASN B 659 -41.27 -17.54 7.49
C ASN B 659 -42.80 -17.59 7.42
N ASN B 660 -43.48 -16.75 8.19
CA ASN B 660 -44.94 -16.79 8.22
C ASN B 660 -45.49 -15.40 7.85
N PHE B 661 -44.95 -14.81 6.79
CA PHE B 661 -45.45 -13.55 6.28
C PHE B 661 -46.78 -13.75 5.57
N SER B 662 -47.55 -12.68 5.49
CA SER B 662 -48.84 -12.69 4.81
C SER B 662 -49.11 -11.30 4.24
N GLY B 663 -50.13 -11.23 3.38
CA GLY B 663 -50.49 -9.98 2.73
C GLY B 663 -49.86 -9.85 1.36
N LYS B 664 -50.36 -8.86 0.62
CA LYS B 664 -49.88 -8.62 -0.74
C LYS B 664 -48.45 -8.09 -0.72
N LEU B 665 -47.70 -8.43 -1.76
CA LEU B 665 -46.34 -7.95 -1.90
C LEU B 665 -46.34 -6.44 -2.10
N PRO B 666 -45.30 -5.75 -1.66
CA PRO B 666 -45.21 -4.30 -1.89
C PRO B 666 -44.79 -4.00 -3.32
N GLN B 667 -45.42 -2.99 -3.91
CA GLN B 667 -45.01 -2.55 -5.24
C GLN B 667 -43.60 -1.96 -5.25
N SER B 668 -43.13 -1.47 -4.10
CA SER B 668 -41.78 -0.93 -4.01
C SER B 668 -40.73 -2.00 -4.28
N LEU B 669 -41.11 -3.28 -4.23
CA LEU B 669 -40.19 -4.34 -4.62
C LEU B 669 -39.74 -4.22 -6.07
N GLY B 670 -40.50 -3.50 -6.90
CA GLY B 670 -40.06 -3.24 -8.26
C GLY B 670 -39.02 -2.15 -8.38
N SER B 671 -38.70 -1.46 -7.28
CA SER B 671 -37.74 -0.38 -7.29
C SER B 671 -36.33 -0.81 -6.89
N LEU B 672 -36.13 -2.10 -6.62
CA LEU B 672 -34.80 -2.61 -6.27
C LEU B 672 -34.09 -3.03 -7.57
N THR B 673 -33.57 -2.03 -8.27
CA THR B 673 -32.91 -2.27 -9.55
C THR B 673 -31.63 -3.07 -9.40
N ASN B 674 -31.05 -3.12 -8.20
CA ASN B 674 -29.79 -3.82 -7.97
C ASN B 674 -29.98 -5.26 -7.50
N LEU B 675 -31.21 -5.74 -7.45
CA LEU B 675 -31.45 -7.10 -6.97
C LEU B 675 -30.88 -8.12 -7.94
N GLU B 676 -30.24 -9.15 -7.38
CA GLU B 676 -29.85 -10.33 -8.13
C GLU B 676 -30.54 -11.60 -7.64
N ALA B 677 -31.07 -11.61 -6.42
CA ALA B 677 -31.78 -12.76 -5.89
C ALA B 677 -32.95 -12.29 -5.05
N LEU B 678 -34.02 -13.08 -5.07
CA LEU B 678 -35.21 -12.81 -4.26
C LEU B 678 -35.84 -14.16 -3.91
N TYR B 679 -35.53 -14.66 -2.73
CA TYR B 679 -36.05 -15.94 -2.25
C TYR B 679 -37.19 -15.67 -1.28
N MET B 680 -38.41 -16.08 -1.66
CA MET B 680 -39.59 -15.94 -0.82
C MET B 680 -40.45 -17.18 -1.03
N ARG B 681 -40.25 -18.18 -0.18
CA ARG B 681 -41.01 -19.43 -0.27
C ARG B 681 -41.33 -19.90 1.14
N GLN B 682 -42.25 -20.88 1.21
CA GLN B 682 -42.76 -21.39 2.48
C GLN B 682 -43.35 -20.25 3.32
N ASN B 683 -44.21 -19.45 2.69
CA ASN B 683 -44.87 -18.34 3.34
C ASN B 683 -46.38 -18.44 3.13
N SER B 684 -47.11 -17.36 3.44
CA SER B 684 -48.55 -17.29 3.27
C SER B 684 -48.95 -16.02 2.54
N PHE B 685 -48.25 -15.75 1.43
CA PHE B 685 -48.49 -14.53 0.67
C PHE B 685 -49.81 -14.62 -0.09
N SER B 686 -50.20 -13.49 -0.69
CA SER B 686 -51.47 -13.41 -1.40
C SER B 686 -51.37 -12.32 -2.46
N GLY B 687 -52.31 -12.35 -3.39
CA GLY B 687 -52.34 -11.38 -4.46
C GLY B 687 -51.98 -11.95 -5.82
N CYS B 695 -36.45 -4.07 -12.65
CA CYS B 695 -35.59 -4.89 -11.79
C CYS B 695 -34.72 -5.81 -12.62
N GLN B 696 -33.72 -5.24 -13.29
CA GLN B 696 -32.82 -6.03 -14.10
C GLN B 696 -31.86 -6.85 -13.22
N SER B 697 -31.15 -7.77 -13.85
CA SER B 697 -30.14 -8.63 -13.24
C SER B 697 -30.71 -9.55 -12.16
N LEU B 698 -32.03 -9.78 -12.16
CA LEU B 698 -32.64 -10.70 -11.21
C LEU B 698 -32.50 -12.11 -11.76
N GLN B 699 -31.35 -12.72 -11.46
CA GLN B 699 -31.02 -14.02 -12.03
C GLN B 699 -31.96 -15.11 -11.56
N ILE B 700 -32.29 -15.12 -10.26
CA ILE B 700 -33.12 -16.15 -9.66
C ILE B 700 -34.37 -15.50 -9.09
N LEU B 701 -35.51 -16.17 -9.25
CA LEU B 701 -36.81 -15.68 -8.76
C LEU B 701 -37.58 -16.90 -8.24
N ASP B 702 -37.49 -17.13 -6.93
CA ASP B 702 -38.14 -18.27 -6.29
C ASP B 702 -39.35 -17.78 -5.51
N LEU B 703 -40.51 -18.32 -5.84
CA LEU B 703 -41.76 -17.99 -5.15
C LEU B 703 -42.57 -19.25 -4.92
N GLY B 704 -41.90 -20.32 -4.49
CA GLY B 704 -42.58 -21.58 -4.26
C GLY B 704 -43.55 -21.50 -3.10
N GLY B 705 -44.63 -22.28 -3.21
CA GLY B 705 -45.66 -22.25 -2.19
C GLY B 705 -46.27 -20.86 -2.05
N ASN B 706 -46.41 -20.43 -0.81
CA ASN B 706 -46.87 -19.10 -0.44
C ASN B 706 -48.29 -18.79 -0.88
N LYS B 707 -49.00 -19.77 -1.45
CA LYS B 707 -50.40 -19.61 -1.83
C LYS B 707 -50.59 -18.42 -2.77
N LEU B 708 -49.95 -18.50 -3.93
CA LEU B 708 -50.04 -17.43 -4.93
C LEU B 708 -51.13 -17.71 -5.95
N PRO B 780 -22.43 -20.19 -9.04
CA PRO B 780 -22.93 -19.68 -7.75
C PRO B 780 -23.04 -18.15 -7.75
N MET B 781 -24.06 -17.63 -7.07
CA MET B 781 -24.25 -16.20 -6.99
C MET B 781 -23.15 -15.56 -6.15
N GLU B 782 -22.71 -14.38 -6.58
CA GLU B 782 -21.62 -13.69 -5.90
C GLU B 782 -21.93 -12.20 -5.84
N PHE B 783 -21.89 -11.63 -4.64
CA PHE B 783 -22.07 -10.21 -4.43
C PHE B 783 -20.78 -9.61 -3.86
N LEU B 784 -20.80 -8.29 -3.68
CA LEU B 784 -19.61 -7.51 -3.41
C LEU B 784 -19.81 -6.71 -2.13
N VAL B 785 -18.89 -6.88 -1.18
CA VAL B 785 -18.85 -6.06 0.03
C VAL B 785 -17.62 -5.18 -0.07
N GLN B 786 -17.84 -3.88 -0.19
CA GLN B 786 -16.78 -2.93 -0.50
C GLN B 786 -16.35 -2.18 0.75
N GLY B 787 -15.05 -1.98 0.89
CA GLY B 787 -14.47 -1.38 2.08
C GLY B 787 -13.91 -2.38 3.07
N PHE B 788 -13.82 -3.65 2.71
CA PHE B 788 -13.32 -4.66 3.65
C PHE B 788 -11.82 -4.49 3.88
N TYR B 789 -11.02 -4.64 2.84
CA TYR B 789 -9.56 -4.51 2.95
C TYR B 789 -9.14 -3.06 2.65
N GLY B 790 -9.69 -2.15 3.43
CA GLY B 790 -9.43 -0.74 3.19
C GLY B 790 -10.01 -0.32 1.86
N LYS B 791 -9.14 0.09 0.93
CA LYS B 791 -9.58 0.47 -0.40
C LYS B 791 -10.12 -0.74 -1.16
N TYR B 792 -9.50 -1.90 -1.01
CA TYR B 792 -9.85 -3.05 -1.81
C TYR B 792 -11.21 -3.61 -1.39
N PRO B 793 -11.99 -4.15 -2.33
CA PRO B 793 -13.25 -4.79 -1.97
C PRO B 793 -13.09 -6.27 -1.63
N ARG B 794 -14.19 -6.93 -1.26
CA ARG B 794 -14.20 -8.36 -1.01
C ARG B 794 -15.41 -8.99 -1.70
N HIS B 795 -15.23 -10.19 -2.21
CA HIS B 795 -16.28 -10.92 -2.90
C HIS B 795 -16.85 -11.98 -1.96
N TYR B 796 -18.18 -12.03 -1.86
CA TYR B 796 -18.86 -13.02 -1.04
C TYR B 796 -19.79 -13.84 -1.92
N SER B 797 -19.64 -15.17 -1.86
CA SER B 797 -20.45 -16.08 -2.64
C SER B 797 -21.58 -16.63 -1.78
N TYR B 798 -22.81 -16.55 -2.29
CA TYR B 798 -23.99 -17.06 -1.60
C TYR B 798 -24.43 -18.33 -2.32
N LEU B 799 -24.17 -19.47 -1.70
CA LEU B 799 -24.60 -20.77 -2.24
C LEU B 799 -26.02 -21.07 -1.77
N GLY B 800 -26.95 -20.26 -2.28
CA GLY B 800 -28.34 -20.40 -1.89
C GLY B 800 -28.94 -21.71 -2.38
N ASN B 801 -29.93 -22.19 -1.63
CA ASN B 801 -30.59 -23.44 -1.96
C ASN B 801 -31.67 -23.20 -3.01
N LEU B 802 -32.33 -24.28 -3.42
CA LEU B 802 -33.40 -24.21 -4.40
C LEU B 802 -34.46 -25.27 -4.13
#